data_3D4Y
#
_entry.id   3D4Y
#
_cell.length_a   68.634
_cell.length_b   108.798
_cell.length_c   137.035
_cell.angle_alpha   90.00
_cell.angle_beta   90.00
_cell.angle_gamma   90.00
#
_symmetry.space_group_name_H-M   'P 21 21 21'
#
loop_
_entity.id
_entity.type
_entity.pdbx_description
1 polymer 'Alpha-mannosidase 2'
2 non-polymer 2-acetamido-2-deoxy-beta-D-glucopyranose
3 non-polymer 'ZINC ION'
4 non-polymer (4R)-2-METHYLPENTANE-2,4-DIOL
5 non-polymer (5R,6R,7S,8R)-5-(HYDROXYMETHYL)-5,6,7,8-TETRAHYDROIMIDAZO[1,2-A]PYRIDINE-6,7,8-TRIOL
6 non-polymer (4S)-2-METHYL-2,4-PENTANEDIOL
7 water water
#
_entity_poly.entity_id   1
_entity_poly.type   'polypeptide(L)'
_entity_poly.pdbx_seq_one_letter_code
;RSSHHHHHHGEFDDPIRPPLKVARSPRPGQCQDVVQDVPNVDVQMLELYDRMSFKDIDGGVWKQGWNIKYDPLKYNAHHK
LKVFVVPHSHNDPGWIQTFEEYYQHDTKHILSNALRHLHDNPEMKFIWAEISYFARFYHDLGENKKLQMKSIVKNGQLEF
VTGGWVMPDEANSHWRNVLLQLTEGQTWLKQFMNVTPTASWAIDPFGHSPTMPYILQKSGFKNMLIQRTHYSVKKELAQQ
RQLEFLWRQIWDNKGDTALFTHMMPFYSYDIPHTCGPDPKVCCQFDFKRMGSFGLSCPWKVPPRTISDQNVAARSDLLVD
QWKKKAELYRTNVLLIPLGDDFRFKQNTEWDVQRVNYERLFEHINSQAHFNVQAQFGTLQEYFDAVHQAERAGQAEFPTL
SGDFFTYADRSDNYWSGYYTSRPYHKRMDRVLMHYVRAAEMLSAWHSWDGMARIEERLEQARRELSLFQHHDGITGTAKT
HVVVDYEQRMQEALKACQMVMQQSVYRLLTKPSIYSPDFSFSYFTLDDSRWPGSGVEDSRTTIILGEDILPSKHVVMHNT
LPHWREQLVDFYVSSPFVSVTDLANNPVEAQVSPVWSWHHDTLTKTIHPQGSTTKYRIIFKARVPPMGLATYVLTISDSK
PEHTSYASNLLLRKNPTSLPLGQYPEDVKFGDPREISLRVGNGPTLAFSEQGLLKSIQLTQDSPHVPVHFKFLKYGVRSH
GDRSGAYLFLPNGPASPVELGQPVVLVTKGKLESSVSVGLPSVVHQTIMRGGAPEIRNLVDIGSLDNTEIVMRLETHIDS
GDIFYTDLNGLQFIKRRRLDKLPLQANYYPIPSGMFIEDANTRLTLLTGQPLGGSSLASGELEIMQDRRLASDDERGLGQ
GVLDNKPVLHIYRLVLEKVNNCVRPSKLHPAGYLTSAAHKASQSLLDPLDKFIFAENEWIGAQGQFGGDHPSAREDLDVS
VMRRLTKSSAKTQRVGYVLHRTNLMQCGTPEEHTQKLDVCHLLPNVARCERTTLTFLQNLEHLDGMVAPEVCPMETAAYV
SSHSS
;
_entity_poly.pdbx_strand_id   A
#
loop_
_chem_comp.id
_chem_comp.type
_chem_comp.name
_chem_comp.formula
MPD non-polymer (4S)-2-METHYL-2,4-PENTANEDIOL 'C6 H14 O2'
MRD non-polymer (4R)-2-METHYLPENTANE-2,4-DIOL 'C6 H14 O2'
MVL non-polymer (5R,6R,7S,8R)-5-(HYDROXYMETHYL)-5,6,7,8-TETRAHYDROIMIDAZO[1,2-A]PYRIDINE-6,7,8-TRIOL 'C8 H12 N2 O4'
NAG D-saccharide, beta linking 2-acetamido-2-deoxy-beta-D-glucopyranose 'C8 H15 N O6'
ZN non-polymer 'ZINC ION' 'Zn 2'
#
# COMPACT_ATOMS: atom_id res chain seq x y z
N GLN A 30 29.06 -2.48 -12.00
CA GLN A 30 27.68 -2.48 -12.47
C GLN A 30 26.92 -3.70 -11.96
N CYS A 31 25.71 -3.89 -12.47
CA CYS A 31 24.56 -4.22 -11.63
C CYS A 31 24.66 -5.66 -11.11
N GLN A 32 24.06 -5.91 -9.95
CA GLN A 32 23.84 -7.28 -9.49
C GLN A 32 22.82 -7.99 -10.36
N ASP A 33 23.05 -9.28 -10.62
CA ASP A 33 22.05 -10.11 -11.28
C ASP A 33 21.06 -10.50 -10.21
N VAL A 34 19.81 -10.10 -10.38
CA VAL A 34 18.78 -10.44 -9.39
C VAL A 34 17.97 -11.71 -9.66
N VAL A 35 18.33 -12.42 -10.75
CA VAL A 35 17.57 -13.58 -11.16
C VAL A 35 18.32 -14.90 -10.89
N GLN A 36 19.60 -14.92 -11.25
CA GLN A 36 20.29 -16.18 -11.39
C GLN A 36 21.19 -16.60 -10.23
N ASP A 37 21.43 -15.74 -9.26
CA ASP A 37 22.29 -16.10 -8.12
C ASP A 37 21.39 -16.20 -6.87
N VAL A 38 21.31 -17.37 -6.23
CA VAL A 38 20.49 -17.51 -5.02
C VAL A 38 21.32 -16.97 -3.87
N PRO A 39 20.85 -15.89 -3.21
CA PRO A 39 21.60 -15.42 -2.06
C PRO A 39 21.78 -16.48 -0.96
N ASN A 40 22.96 -16.39 -0.34
CA ASN A 40 23.26 -17.27 0.77
C ASN A 40 23.00 -16.49 2.06
N VAL A 41 21.94 -16.86 2.76
CA VAL A 41 21.61 -16.21 4.04
C VAL A 41 21.50 -17.21 5.16
N ASP A 42 21.70 -16.75 6.38
CA ASP A 42 21.49 -17.66 7.49
C ASP A 42 20.06 -18.12 7.67
N VAL A 43 19.10 -17.20 7.52
CA VAL A 43 17.71 -17.54 7.64
C VAL A 43 17.02 -17.01 6.39
N GLN A 44 16.33 -17.92 5.71
CA GLN A 44 15.58 -17.52 4.52
C GLN A 44 14.18 -17.95 4.87
N MET A 45 13.24 -17.00 4.98
CA MET A 45 11.98 -17.27 5.63
C MET A 45 11.10 -18.37 4.96
N LEU A 46 11.19 -18.45 3.63
CA LEU A 46 10.43 -19.49 2.90
C LEU A 46 11.01 -20.85 3.33
N GLU A 47 12.35 -20.93 3.33
CA GLU A 47 13.00 -22.23 3.71
C GLU A 47 12.70 -22.56 5.16
N LEU A 48 12.67 -21.55 6.02
CA LEU A 48 12.45 -21.79 7.43
C LEU A 48 11.00 -22.28 7.62
N TYR A 49 10.06 -21.68 6.88
CA TYR A 49 8.65 -22.14 6.98
C TYR A 49 8.49 -23.62 6.56
N ASP A 50 9.29 -24.03 5.59
CA ASP A 50 9.16 -25.39 5.03
C ASP A 50 9.58 -26.38 6.12
N ARG A 51 10.53 -25.99 6.97
CA ARG A 51 11.09 -26.91 8.02
C ARG A 51 10.45 -26.84 9.39
N MET A 52 9.94 -25.66 9.74
CA MET A 52 9.43 -25.33 11.06
C MET A 52 8.20 -26.13 11.38
N SER A 53 7.94 -26.38 12.65
CA SER A 53 6.81 -27.24 13.06
C SER A 53 5.37 -26.64 13.12
N PHE A 54 5.29 -25.42 13.60
CA PHE A 54 4.07 -24.64 13.92
C PHE A 54 3.19 -25.13 15.07
N LYS A 55 3.65 -26.12 15.81
CA LYS A 55 2.83 -26.61 16.91
C LYS A 55 2.65 -25.59 18.00
N ASP A 56 1.42 -25.43 18.44
CA ASP A 56 1.04 -24.48 19.47
C ASP A 56 1.04 -25.16 20.85
N ILE A 57 2.19 -25.16 21.49
CA ILE A 57 2.46 -25.92 22.68
C ILE A 57 2.50 -24.95 23.87
N ASP A 58 1.92 -25.32 25.01
CA ASP A 58 2.01 -24.48 26.18
C ASP A 58 3.45 -24.44 26.73
N GLY A 59 4.10 -23.29 26.63
CA GLY A 59 5.47 -23.14 27.12
C GLY A 59 5.66 -22.79 28.58
N GLY A 60 4.59 -22.68 29.35
CA GLY A 60 4.68 -22.22 30.74
C GLY A 60 4.31 -20.74 30.85
N VAL A 61 5.00 -19.98 31.71
CA VAL A 61 4.68 -18.59 31.91
C VAL A 61 4.85 -17.85 30.58
N TRP A 62 5.88 -18.24 29.84
CA TRP A 62 6.02 -17.71 28.48
C TRP A 62 5.19 -18.66 27.64
N LYS A 63 3.91 -18.33 27.49
CA LYS A 63 2.95 -19.29 26.90
C LYS A 63 3.45 -19.87 25.55
N GLN A 64 4.05 -19.01 24.72
CA GLN A 64 4.42 -19.47 23.39
C GLN A 64 5.90 -19.73 23.23
N GLY A 65 6.60 -19.85 24.37
CA GLY A 65 8.01 -20.14 24.27
C GLY A 65 8.34 -21.30 25.16
N TRP A 66 9.31 -21.09 26.05
CA TRP A 66 9.73 -22.14 27.00
C TRP A 66 10.23 -21.47 28.28
N ASN A 67 10.58 -22.31 29.27
CA ASN A 67 11.12 -21.79 30.52
C ASN A 67 12.59 -21.42 30.37
N ILE A 68 12.85 -20.11 30.29
CA ILE A 68 14.19 -19.69 29.95
C ILE A 68 15.10 -19.86 31.19
N LYS A 69 16.29 -20.39 30.97
CA LYS A 69 17.29 -20.52 32.04
C LYS A 69 18.52 -19.68 31.69
N TYR A 70 19.15 -19.12 32.72
CA TYR A 70 20.39 -18.39 32.47
C TYR A 70 21.44 -18.82 33.48
N ASP A 71 22.69 -18.59 33.14
CA ASP A 71 23.82 -18.83 34.03
C ASP A 71 24.07 -17.55 34.81
N PRO A 72 23.81 -17.56 36.13
CA PRO A 72 24.10 -16.36 36.93
C PRO A 72 25.53 -15.79 36.83
N LEU A 73 26.53 -16.59 36.50
CA LEU A 73 27.91 -16.09 36.40
C LEU A 73 28.30 -15.50 35.03
N LYS A 74 27.35 -15.49 34.09
CA LYS A 74 27.56 -14.86 32.81
C LYS A 74 27.94 -13.40 32.90
N TYR A 75 27.30 -12.70 33.84
CA TYR A 75 27.57 -11.32 34.08
C TYR A 75 28.38 -11.20 35.37
N ASN A 76 29.35 -10.29 35.34
CA ASN A 76 30.25 -10.07 36.47
C ASN A 76 30.79 -8.65 36.41
N ALA A 77 31.75 -8.33 37.27
CA ALA A 77 32.25 -6.96 37.40
C ALA A 77 32.74 -6.39 36.07
N HIS A 78 33.34 -7.22 35.23
CA HIS A 78 33.94 -6.75 33.98
C HIS A 78 32.98 -6.89 32.79
N HIS A 79 31.89 -7.63 33.01
CA HIS A 79 30.89 -7.89 31.95
C HIS A 79 29.46 -7.76 32.53
N LYS A 80 28.94 -6.55 32.49
CA LYS A 80 27.65 -6.21 33.10
C LYS A 80 26.58 -6.20 32.01
N LEU A 81 25.36 -6.46 32.42
CA LEU A 81 24.22 -6.38 31.51
C LEU A 81 23.79 -4.92 31.54
N LYS A 82 23.84 -4.26 30.36
CA LYS A 82 23.49 -2.86 30.20
C LYS A 82 22.04 -2.85 29.71
N VAL A 83 21.13 -2.26 30.50
CA VAL A 83 19.70 -2.34 30.24
C VAL A 83 19.18 -0.93 29.93
N PHE A 84 18.51 -0.81 28.79
CA PHE A 84 17.93 0.48 28.42
C PHE A 84 16.43 0.38 28.46
N VAL A 85 15.85 1.15 29.38
CA VAL A 85 14.42 1.17 29.54
C VAL A 85 13.91 2.35 28.75
N VAL A 86 13.02 2.07 27.78
CA VAL A 86 12.68 3.07 26.73
C VAL A 86 11.21 3.45 26.79
N PRO A 87 10.86 4.56 27.47
CA PRO A 87 9.47 4.92 27.61
C PRO A 87 8.91 5.33 26.23
N HIS A 88 7.68 4.90 26.00
CA HIS A 88 6.98 5.19 24.75
C HIS A 88 5.47 5.24 24.93
N SER A 89 4.77 5.70 23.87
CA SER A 89 3.36 5.81 23.95
C SER A 89 2.81 5.57 22.59
N HIS A 90 2.06 4.49 22.42
CA HIS A 90 1.59 4.17 21.04
C HIS A 90 0.34 5.01 20.75
N ASN A 91 0.43 5.95 19.79
CA ASN A 91 -0.72 6.82 19.50
C ASN A 91 -1.26 6.59 18.10
N ASP A 92 -2.38 5.90 18.01
CA ASP A 92 -2.95 5.58 16.70
C ASP A 92 -3.62 6.86 16.10
N PRO A 93 -3.24 7.28 14.87
CA PRO A 93 -3.90 8.42 14.20
C PRO A 93 -5.26 7.95 13.65
N GLY A 94 -6.18 7.63 14.54
CA GLY A 94 -7.47 7.06 14.12
C GLY A 94 -7.53 5.55 14.39
N TRP A 95 -8.57 5.13 15.11
CA TRP A 95 -8.80 3.69 15.32
C TRP A 95 -10.21 3.57 15.95
N ILE A 96 -10.30 3.71 17.25
CA ILE A 96 -11.56 3.75 17.96
C ILE A 96 -12.15 5.15 17.98
N GLN A 97 -11.28 6.16 17.90
CA GLN A 97 -11.70 7.55 17.74
C GLN A 97 -11.03 8.09 16.51
N THR A 98 -11.51 9.25 16.04
CA THR A 98 -10.88 9.82 14.86
C THR A 98 -9.55 10.45 15.28
N PHE A 99 -8.69 10.76 14.31
CA PHE A 99 -7.44 11.50 14.60
C PHE A 99 -7.70 12.71 15.47
N GLU A 100 -8.70 13.50 15.14
CA GLU A 100 -8.90 14.78 15.85
C GLU A 100 -9.47 14.51 17.25
N GLU A 101 -10.32 13.50 17.38
CA GLU A 101 -10.91 13.10 18.67
C GLU A 101 -9.76 12.64 19.62
N TYR A 102 -8.91 11.75 19.13
CA TYR A 102 -7.77 11.32 19.91
C TYR A 102 -6.85 12.48 20.27
N TYR A 103 -6.62 13.40 19.34
CA TYR A 103 -5.75 14.52 19.63
C TYR A 103 -6.30 15.34 20.81
N GLN A 104 -7.58 15.67 20.74
CA GLN A 104 -8.19 16.52 21.78
C GLN A 104 -8.27 15.78 23.11
N HIS A 105 -8.59 14.49 23.08
CA HIS A 105 -8.90 13.73 24.32
C HIS A 105 -7.64 13.16 24.97
N ASP A 106 -6.63 12.84 24.16
CA ASP A 106 -5.45 12.07 24.61
C ASP A 106 -4.10 12.69 24.22
N THR A 107 -3.84 12.74 22.92
CA THR A 107 -2.48 13.02 22.50
C THR A 107 -2.00 14.43 22.84
N LYS A 108 -2.91 15.44 22.84
CA LYS A 108 -2.41 16.78 23.15
C LYS A 108 -1.90 16.80 24.59
N HIS A 109 -2.55 16.01 25.44
CA HIS A 109 -2.12 15.88 26.86
C HIS A 109 -0.84 15.13 27.01
N ILE A 110 -0.71 14.02 26.30
CA ILE A 110 0.54 13.29 26.35
C ILE A 110 1.73 14.16 25.97
N LEU A 111 1.62 14.82 24.80
CA LEU A 111 2.68 15.66 24.38
C LEU A 111 2.96 16.90 25.28
N SER A 112 1.89 17.48 25.82
N SER A 112 1.89 17.48 25.83
CA SER A 112 2.05 18.63 26.73
CA SER A 112 2.04 18.63 26.73
C SER A 112 2.81 18.17 27.98
C SER A 112 2.77 18.20 28.02
N ASN A 113 2.35 17.06 28.54
CA ASN A 113 2.97 16.48 29.74
C ASN A 113 4.35 15.96 29.50
N ALA A 114 4.62 15.41 28.31
CA ALA A 114 5.96 15.00 27.93
C ALA A 114 6.91 16.17 27.94
N LEU A 115 6.51 17.28 27.32
CA LEU A 115 7.29 18.49 27.27
C LEU A 115 7.67 18.92 28.69
N ARG A 116 6.66 18.98 29.57
CA ARG A 116 6.87 19.44 30.94
C ARG A 116 7.77 18.47 31.72
N HIS A 117 7.43 17.18 31.68
CA HIS A 117 8.18 16.20 32.51
C HIS A 117 9.61 15.98 32.02
N LEU A 118 9.84 15.96 30.69
CA LEU A 118 11.20 15.79 30.21
C LEU A 118 12.02 17.03 30.55
N HIS A 119 11.43 18.21 30.37
CA HIS A 119 12.13 19.40 30.64
C HIS A 119 12.54 19.41 32.13
N ASP A 120 11.62 19.01 33.02
CA ASP A 120 11.89 19.02 34.48
C ASP A 120 12.79 17.91 34.98
N ASN A 121 12.95 16.85 34.19
CA ASN A 121 13.65 15.64 34.64
C ASN A 121 14.67 15.18 33.62
N PRO A 122 15.89 15.70 33.72
CA PRO A 122 16.92 15.58 32.69
C PRO A 122 17.30 14.17 32.28
N GLU A 123 17.16 13.19 33.18
CA GLU A 123 17.50 11.78 32.89
C GLU A 123 16.33 11.03 32.30
N MET A 124 15.13 11.60 32.35
CA MET A 124 13.93 10.93 31.73
C MET A 124 14.07 11.04 30.20
N LYS A 125 13.60 9.98 29.53
CA LYS A 125 13.70 9.85 28.07
C LYS A 125 12.34 9.43 27.54
N PHE A 126 12.13 9.63 26.24
CA PHE A 126 10.82 9.26 25.67
C PHE A 126 10.98 9.23 24.18
N ILE A 127 10.38 8.23 23.51
CA ILE A 127 10.44 8.22 22.06
C ILE A 127 9.09 8.47 21.48
N TRP A 128 9.08 9.03 20.28
CA TRP A 128 7.86 9.43 19.61
C TRP A 128 7.91 9.01 18.16
N ALA A 129 6.85 8.36 17.70
CA ALA A 129 6.80 7.84 16.33
C ALA A 129 5.96 8.66 15.28
N GLU A 130 4.78 9.08 15.68
CA GLU A 130 3.75 9.56 14.73
C GLU A 130 3.86 11.06 14.51
N ILE A 131 4.48 11.43 13.40
CA ILE A 131 4.69 12.87 13.21
C ILE A 131 3.38 13.66 12.90
N SER A 132 2.38 12.98 12.34
CA SER A 132 1.07 13.64 12.17
C SER A 132 0.58 14.29 13.47
N TYR A 133 0.66 13.57 14.60
CA TYR A 133 0.19 14.18 15.85
C TYR A 133 1.18 15.22 16.30
N PHE A 134 2.47 14.93 16.14
CA PHE A 134 3.47 15.89 16.68
C PHE A 134 3.36 17.21 15.94
N ALA A 135 3.15 17.16 14.62
CA ALA A 135 2.98 18.40 13.87
C ALA A 135 1.68 19.08 14.28
N ARG A 136 0.60 18.32 14.50
CA ARG A 136 -0.67 18.88 14.98
C ARG A 136 -0.51 19.62 16.30
N PHE A 137 0.34 19.08 17.17
CA PHE A 137 0.62 19.66 18.46
C PHE A 137 1.49 20.87 18.32
N TYR A 138 2.57 20.75 17.56
CA TYR A 138 3.60 21.75 17.56
C TYR A 138 3.01 23.04 17.04
N HIS A 139 2.09 22.94 16.08
CA HIS A 139 1.57 24.15 15.48
C HIS A 139 0.52 24.88 16.38
N ASP A 140 0.10 24.24 17.48
CA ASP A 140 -0.68 24.93 18.53
C ASP A 140 0.18 25.53 19.64
N LEU A 141 1.49 25.35 19.57
CA LEU A 141 2.41 25.79 20.64
C LEU A 141 2.84 27.23 20.41
N GLY A 142 2.90 27.99 21.50
CA GLY A 142 3.53 29.29 21.45
C GLY A 142 5.04 29.15 21.42
N GLU A 143 5.74 30.27 21.15
CA GLU A 143 7.19 30.24 20.93
C GLU A 143 7.95 29.72 22.13
N ASN A 144 7.51 30.05 23.34
CA ASN A 144 8.29 29.64 24.49
C ASN A 144 8.38 28.10 24.56
N LYS A 145 7.24 27.46 24.32
CA LYS A 145 7.13 25.99 24.33
C LYS A 145 7.83 25.35 23.14
N LYS A 146 7.72 25.99 21.97
CA LYS A 146 8.50 25.51 20.83
C LYS A 146 9.98 25.45 21.16
N LEU A 147 10.52 26.51 21.73
CA LEU A 147 11.92 26.56 22.12
C LEU A 147 12.29 25.47 23.13
N GLN A 148 11.46 25.28 24.14
CA GLN A 148 11.59 24.20 25.12
C GLN A 148 11.59 22.80 24.46
N MET A 149 10.71 22.62 23.49
CA MET A 149 10.62 21.35 22.75
C MET A 149 11.87 21.09 21.96
N LYS A 150 12.31 22.11 21.23
CA LYS A 150 13.53 21.98 20.47
C LYS A 150 14.69 21.61 21.37
N SER A 151 14.72 22.17 22.58
CA SER A 151 15.82 21.88 23.48
C SER A 151 15.82 20.44 24.03
N ILE A 152 14.63 19.87 24.31
CA ILE A 152 14.62 18.48 24.74
C ILE A 152 14.89 17.51 23.60
N VAL A 153 14.62 17.95 22.36
CA VAL A 153 15.05 17.11 21.22
C VAL A 153 16.58 17.23 21.03
N LYS A 154 17.11 18.45 21.06
CA LYS A 154 18.54 18.61 20.84
C LYS A 154 19.40 17.91 21.92
N ASN A 155 18.92 17.87 23.16
CA ASN A 155 19.65 17.21 24.22
C ASN A 155 19.44 15.67 24.30
N GLY A 156 18.65 15.13 23.36
CA GLY A 156 18.51 13.65 23.21
C GLY A 156 17.48 13.07 24.19
N GLN A 157 16.71 13.89 24.88
CA GLN A 157 15.73 13.30 25.83
C GLN A 157 14.47 12.81 25.09
N LEU A 158 13.98 13.61 24.16
CA LEU A 158 12.83 13.22 23.32
C LEU A 158 13.45 12.81 21.97
N GLU A 159 13.30 11.54 21.56
CA GLU A 159 13.89 11.09 20.31
C GLU A 159 12.76 10.61 19.41
N PHE A 160 12.81 11.09 18.17
CA PHE A 160 11.86 10.61 17.18
C PHE A 160 12.37 9.32 16.57
N VAL A 161 11.46 8.35 16.48
CA VAL A 161 11.80 7.07 15.90
C VAL A 161 10.97 6.95 14.63
N THR A 162 11.63 6.49 13.59
CA THR A 162 11.08 6.45 12.22
C THR A 162 10.86 7.85 11.67
N GLY A 163 9.94 8.62 12.28
CA GLY A 163 9.80 9.99 11.79
C GLY A 163 8.79 10.02 10.64
N GLY A 164 8.10 8.93 10.37
CA GLY A 164 7.01 9.01 9.39
C GLY A 164 5.77 9.74 9.87
N TRP A 165 4.93 10.16 8.92
CA TRP A 165 3.68 10.77 9.35
C TRP A 165 2.89 9.85 10.24
N VAL A 166 2.94 8.55 9.90
CA VAL A 166 2.29 7.50 10.67
C VAL A 166 3.25 6.32 10.81
N MET A 167 2.73 5.29 11.48
CA MET A 167 3.38 3.96 11.50
C MET A 167 2.58 3.08 10.54
N PRO A 168 3.11 2.91 9.31
CA PRO A 168 2.22 2.40 8.23
C PRO A 168 1.97 0.90 8.30
N ASP A 169 0.85 0.55 7.72
CA ASP A 169 0.58 -0.84 7.40
C ASP A 169 1.68 -1.28 6.43
N GLU A 170 2.01 -2.55 6.49
CA GLU A 170 3.05 -3.13 5.67
C GLU A 170 2.48 -4.13 4.65
N ALA A 171 1.21 -4.52 4.79
CA ALA A 171 0.60 -5.51 3.91
C ALA A 171 -0.04 -4.87 2.67
N ASN A 172 -0.86 -3.83 2.88
CA ASN A 172 -1.76 -3.33 1.83
C ASN A 172 -1.11 -2.11 1.18
N SER A 173 -0.18 -1.47 1.89
CA SER A 173 0.34 -0.17 1.40
C SER A 173 1.23 -0.33 0.18
N HIS A 174 1.11 0.61 -0.76
CA HIS A 174 1.99 0.61 -1.85
C HIS A 174 3.34 1.25 -1.43
N TRP A 175 4.47 0.75 -1.96
CA TRP A 175 5.76 1.29 -1.47
C TRP A 175 5.83 2.81 -1.75
N ARG A 176 5.19 3.27 -2.81
CA ARG A 176 5.21 4.71 -3.12
C ARG A 176 4.57 5.49 -2.02
N ASN A 177 3.55 4.96 -1.40
CA ASN A 177 2.84 5.68 -0.30
C ASN A 177 3.59 5.52 1.05
N VAL A 178 4.24 4.38 1.23
CA VAL A 178 5.16 4.21 2.35
C VAL A 178 6.23 5.30 2.30
N LEU A 179 6.84 5.48 1.13
CA LEU A 179 7.83 6.52 0.99
C LEU A 179 7.23 7.92 1.10
N LEU A 180 6.04 8.13 0.60
CA LEU A 180 5.37 9.46 0.75
C LEU A 180 5.19 9.81 2.22
N GLN A 181 4.70 8.88 3.00
CA GLN A 181 4.30 9.32 4.36
C GLN A 181 5.64 9.44 5.14
N LEU A 182 6.66 8.62 4.80
CA LEU A 182 7.98 8.77 5.51
C LEU A 182 8.54 10.15 5.18
N THR A 183 8.51 10.53 3.89
CA THR A 183 9.03 11.82 3.48
C THR A 183 8.26 12.97 4.13
N GLU A 184 6.96 12.84 4.24
CA GLU A 184 6.15 13.92 4.86
C GLU A 184 6.60 14.15 6.30
N GLY A 185 6.74 13.07 7.07
CA GLY A 185 7.12 13.21 8.45
C GLY A 185 8.53 13.66 8.54
N GLN A 186 9.46 13.06 7.79
CA GLN A 186 10.88 13.47 7.95
C GLN A 186 11.16 14.89 7.45
N THR A 187 10.44 15.34 6.41
CA THR A 187 10.65 16.72 5.94
C THR A 187 10.16 17.68 7.00
N TRP A 188 9.10 17.30 7.69
CA TRP A 188 8.57 18.18 8.76
C TRP A 188 9.65 18.24 9.87
N LEU A 189 10.15 17.08 10.32
CA LEU A 189 11.20 17.01 11.35
C LEU A 189 12.42 17.80 10.98
N LYS A 190 12.86 17.72 9.73
CA LYS A 190 14.10 18.42 9.37
C LYS A 190 13.84 19.92 9.43
N GLN A 191 12.69 20.36 8.95
CA GLN A 191 12.38 21.80 8.92
C GLN A 191 12.19 22.37 10.29
N PHE A 192 11.52 21.66 11.17
CA PHE A 192 11.05 22.26 12.44
C PHE A 192 11.85 21.84 13.64
N MET A 193 12.38 20.63 13.61
CA MET A 193 13.19 20.08 14.71
C MET A 193 14.67 19.90 14.41
N ASN A 194 15.07 20.03 13.16
CA ASN A 194 16.43 19.85 12.71
C ASN A 194 16.98 18.49 13.08
N VAL A 195 16.16 17.46 12.87
CA VAL A 195 16.62 16.09 13.12
C VAL A 195 16.09 15.16 12.04
N THR A 196 16.88 14.14 11.75
CA THR A 196 16.45 13.06 10.87
C THR A 196 16.71 11.71 11.55
N PRO A 197 15.62 11.02 11.97
CA PRO A 197 15.81 9.70 12.62
C PRO A 197 16.52 8.69 11.76
N THR A 198 17.34 7.84 12.39
CA THR A 198 17.99 6.75 11.65
C THR A 198 17.62 5.41 12.25
N ALA A 199 16.72 5.39 13.25
CA ALA A 199 16.23 4.13 13.82
C ALA A 199 14.71 4.12 13.61
N SER A 200 14.16 3.01 13.15
CA SER A 200 12.71 2.86 12.94
C SER A 200 12.10 1.97 14.01
N TRP A 201 10.84 2.22 14.32
CA TRP A 201 10.13 1.58 15.41
C TRP A 201 8.74 1.20 14.85
N ALA A 202 8.52 -0.08 14.64
CA ALA A 202 7.27 -0.54 14.04
C ALA A 202 6.70 -1.61 14.96
N ILE A 203 5.96 -1.17 15.96
CA ILE A 203 5.53 -2.13 17.01
C ILE A 203 4.15 -2.72 16.81
N ASP A 204 3.41 -2.15 15.86
CA ASP A 204 2.00 -2.51 15.72
C ASP A 204 1.47 -3.00 14.36
N PRO A 205 2.15 -2.75 13.24
CA PRO A 205 1.59 -3.27 11.98
C PRO A 205 1.49 -4.80 12.02
N PHE A 206 0.51 -5.36 11.34
CA PHE A 206 0.10 -6.76 11.56
C PHE A 206 0.86 -7.68 10.61
N GLY A 207 2.12 -7.90 10.91
CA GLY A 207 3.03 -8.53 9.98
C GLY A 207 3.94 -7.47 9.35
N HIS A 208 5.10 -7.91 8.87
CA HIS A 208 6.12 -6.99 8.38
C HIS A 208 6.69 -7.38 7.03
N SER A 209 6.96 -6.36 6.22
CA SER A 209 7.43 -6.53 4.83
C SER A 209 8.87 -6.06 4.66
N PRO A 210 9.69 -6.74 3.84
CA PRO A 210 11.04 -6.31 3.54
C PRO A 210 11.06 -4.98 2.73
N THR A 211 9.88 -4.56 2.25
CA THR A 211 9.83 -3.22 1.59
C THR A 211 10.26 -2.13 2.58
N MET A 212 9.94 -2.36 3.87
CA MET A 212 10.37 -1.34 4.84
C MET A 212 11.89 -1.14 4.93
N PRO A 213 12.67 -2.21 5.24
CA PRO A 213 14.13 -1.98 5.26
C PRO A 213 14.64 -1.52 3.88
N TYR A 214 13.98 -1.95 2.79
CA TYR A 214 14.40 -1.47 1.46
C TYR A 214 14.35 0.08 1.44
N ILE A 215 13.21 0.65 1.81
CA ILE A 215 13.02 2.08 1.75
C ILE A 215 13.83 2.78 2.85
N LEU A 216 13.82 2.20 4.04
CA LEU A 216 14.57 2.80 5.13
C LEU A 216 16.06 2.88 4.86
N GLN A 217 16.66 1.79 4.39
CA GLN A 217 18.10 1.78 4.14
C GLN A 217 18.50 2.86 3.12
N LYS A 218 17.62 3.09 2.17
CA LYS A 218 17.88 4.11 1.09
C LYS A 218 17.52 5.50 1.54
N SER A 219 17.00 5.61 2.77
CA SER A 219 16.63 6.88 3.37
C SER A 219 17.51 7.19 4.57
N GLY A 220 18.67 6.59 4.62
CA GLY A 220 19.68 6.94 5.67
C GLY A 220 19.51 6.15 6.98
N PHE A 221 18.55 5.22 7.05
CA PHE A 221 18.41 4.46 8.30
C PHE A 221 19.51 3.47 8.51
N LYS A 222 19.81 3.21 9.78
CA LYS A 222 20.81 2.23 10.14
C LYS A 222 20.25 1.04 10.93
N ASN A 223 19.06 1.22 11.50
CA ASN A 223 18.48 0.18 12.34
C ASN A 223 16.96 0.25 12.38
N MET A 224 16.36 -0.89 12.68
CA MET A 224 14.92 -0.97 12.73
C MET A 224 14.47 -2.00 13.74
N LEU A 225 13.26 -1.77 14.28
CA LEU A 225 12.67 -2.66 15.28
C LEU A 225 11.31 -3.08 14.81
N ILE A 226 11.01 -4.39 14.95
CA ILE A 226 9.69 -4.92 14.57
C ILE A 226 9.13 -5.81 15.71
N GLN A 227 7.82 -6.04 15.71
CA GLN A 227 7.17 -6.74 16.83
C GLN A 227 6.17 -7.80 16.39
N ARG A 228 5.32 -7.53 15.38
CA ARG A 228 4.25 -8.48 15.14
C ARG A 228 4.65 -9.51 14.11
N THR A 229 5.33 -10.55 14.59
CA THR A 229 5.62 -11.69 13.79
C THR A 229 5.01 -12.92 14.48
N HIS A 230 4.73 -13.92 13.65
CA HIS A 230 4.09 -15.14 14.08
C HIS A 230 4.80 -15.71 15.33
N TYR A 231 3.97 -16.10 16.31
CA TYR A 231 4.52 -16.62 17.58
C TYR A 231 5.49 -17.80 17.34
N SER A 232 5.21 -18.64 16.35
CA SER A 232 6.11 -19.77 16.04
C SER A 232 7.49 -19.33 15.53
N VAL A 233 7.50 -18.21 14.81
CA VAL A 233 8.70 -17.68 14.25
C VAL A 233 9.52 -17.07 15.39
N LYS A 234 8.84 -16.30 16.24
CA LYS A 234 9.51 -15.77 17.46
C LYS A 234 10.17 -16.93 18.25
N LYS A 235 9.47 -18.03 18.47
CA LYS A 235 10.03 -19.12 19.29
C LYS A 235 11.24 -19.72 18.55
N GLU A 236 11.12 -19.93 17.25
CA GLU A 236 12.19 -20.50 16.43
C GLU A 236 13.43 -19.64 16.40
N LEU A 237 13.27 -18.34 16.11
CA LEU A 237 14.43 -17.44 16.07
C LEU A 237 15.01 -17.26 17.46
N ALA A 238 14.16 -17.20 18.48
CA ALA A 238 14.69 -16.98 19.82
C ALA A 238 15.62 -18.13 20.26
N GLN A 239 15.23 -19.37 19.89
CA GLN A 239 15.98 -20.58 20.24
C GLN A 239 17.41 -20.49 19.74
N GLN A 240 17.61 -19.81 18.61
CA GLN A 240 18.88 -19.70 17.92
C GLN A 240 19.56 -18.33 18.11
N ARG A 241 18.95 -17.47 18.93
CA ARG A 241 19.39 -16.11 19.14
C ARG A 241 19.52 -15.42 17.78
N GLN A 242 18.45 -15.60 17.00
CA GLN A 242 18.39 -14.95 15.67
C GLN A 242 17.32 -13.86 15.61
N LEU A 243 17.00 -13.27 16.77
CA LEU A 243 16.04 -12.15 16.89
C LEU A 243 16.60 -10.81 16.43
N GLU A 244 17.93 -10.71 16.34
CA GLU A 244 18.57 -9.53 15.72
C GLU A 244 19.32 -10.05 14.53
N PHE A 245 19.01 -9.41 13.40
CA PHE A 245 19.60 -9.91 12.14
C PHE A 245 19.77 -8.81 11.13
N LEU A 246 20.60 -9.07 10.13
CA LEU A 246 20.82 -8.12 9.03
C LEU A 246 19.86 -8.53 7.93
N TRP A 247 18.78 -7.75 7.78
CA TRP A 247 17.66 -8.09 6.90
C TRP A 247 17.94 -7.53 5.52
N ARG A 248 18.22 -8.42 4.58
CA ARG A 248 18.48 -7.99 3.18
C ARG A 248 17.31 -8.41 2.32
N GLN A 249 17.31 -7.85 1.12
CA GLN A 249 16.21 -8.19 0.20
C GLN A 249 16.42 -9.62 -0.35
N ILE A 250 15.32 -10.26 -0.75
CA ILE A 250 15.36 -11.64 -1.18
C ILE A 250 16.27 -11.88 -2.37
N TRP A 251 16.51 -10.88 -3.21
CA TRP A 251 17.31 -11.11 -4.42
C TRP A 251 18.75 -10.63 -4.24
N ASP A 252 19.05 -10.08 -3.07
CA ASP A 252 20.35 -9.43 -2.82
C ASP A 252 21.50 -10.41 -2.51
N ASN A 253 22.36 -10.66 -3.49
CA ASN A 253 23.43 -11.60 -3.27
C ASN A 253 24.57 -11.03 -2.42
N LYS A 254 24.83 -9.74 -2.59
CA LYS A 254 25.96 -9.04 -1.97
C LYS A 254 25.66 -8.62 -0.54
N GLY A 255 24.43 -8.19 -0.30
CA GLY A 255 24.03 -7.73 1.03
C GLY A 255 24.08 -6.21 1.20
N ASP A 256 24.20 -5.45 0.11
CA ASP A 256 24.22 -3.98 0.23
C ASP A 256 22.87 -3.38 0.68
N THR A 257 21.80 -4.15 0.55
CA THR A 257 20.49 -3.68 1.03
C THR A 257 20.28 -3.91 2.54
N ALA A 258 21.22 -4.58 3.21
CA ALA A 258 20.96 -5.06 4.56
C ALA A 258 20.70 -3.93 5.55
N LEU A 259 19.75 -4.16 6.44
CA LEU A 259 19.50 -3.23 7.54
C LEU A 259 19.39 -4.03 8.84
N PHE A 260 20.14 -3.58 9.83
CA PHE A 260 20.05 -4.27 11.11
C PHE A 260 18.66 -4.16 11.74
N THR A 261 18.07 -5.31 12.06
CA THR A 261 16.73 -5.37 12.54
C THR A 261 16.72 -6.06 13.90
N HIS A 262 15.90 -5.52 14.81
CA HIS A 262 15.65 -6.19 16.09
C HIS A 262 14.16 -6.62 16.18
N MET A 263 13.91 -7.93 16.37
CA MET A 263 12.57 -8.43 16.50
C MET A 263 12.33 -8.60 18.00
N MET A 264 11.29 -7.99 18.53
N MET A 264 11.29 -7.99 18.53
CA MET A 264 10.93 -8.24 19.91
CA MET A 264 10.94 -8.25 19.92
C MET A 264 10.43 -9.67 20.09
C MET A 264 10.42 -9.68 20.09
N PRO A 265 10.67 -10.30 21.24
CA PRO A 265 10.40 -11.73 21.39
C PRO A 265 9.04 -12.21 21.86
N PHE A 266 8.26 -11.34 22.46
CA PHE A 266 7.08 -11.75 23.20
C PHE A 266 5.78 -11.36 22.51
N TYR A 267 4.66 -11.55 23.19
CA TYR A 267 3.35 -11.56 22.50
C TYR A 267 2.86 -10.14 22.20
N SER A 268 3.31 -9.14 22.94
CA SER A 268 2.81 -7.77 22.80
C SER A 268 3.88 -6.75 23.08
N TYR A 269 3.60 -5.47 22.79
CA TYR A 269 4.56 -4.41 23.12
C TYR A 269 4.20 -3.75 24.44
N ASP A 270 3.15 -4.26 25.13
CA ASP A 270 2.77 -3.69 26.41
C ASP A 270 3.77 -4.08 27.52
N ILE A 271 3.66 -3.42 28.67
CA ILE A 271 4.66 -3.64 29.73
C ILE A 271 4.69 -5.13 30.18
N PRO A 272 3.50 -5.76 30.33
CA PRO A 272 3.54 -7.20 30.75
C PRO A 272 4.33 -8.11 29.83
N HIS A 273 4.45 -7.72 28.56
CA HIS A 273 5.20 -8.53 27.58
C HIS A 273 6.50 -7.92 27.09
N THR A 274 7.04 -6.95 27.82
CA THR A 274 8.33 -6.39 27.42
C THR A 274 9.43 -6.44 28.46
N CYS A 275 9.08 -6.75 29.70
CA CYS A 275 10.12 -6.83 30.73
C CYS A 275 10.88 -8.18 30.78
N GLY A 276 10.24 -9.23 30.27
CA GLY A 276 10.76 -10.60 30.35
C GLY A 276 9.65 -11.56 30.03
N PRO A 277 9.90 -12.88 30.20
CA PRO A 277 8.96 -13.89 29.68
C PRO A 277 7.70 -14.14 30.49
N ASP A 278 7.65 -13.64 31.74
CA ASP A 278 6.50 -13.89 32.62
C ASP A 278 5.66 -12.65 32.84
N PRO A 279 4.51 -12.60 32.12
CA PRO A 279 3.71 -11.38 32.28
C PRO A 279 3.12 -11.14 33.66
N LYS A 280 2.96 -12.21 34.47
CA LYS A 280 2.45 -12.02 35.84
C LYS A 280 3.43 -11.20 36.66
N VAL A 281 4.70 -11.38 36.37
CA VAL A 281 5.74 -10.60 37.00
C VAL A 281 5.86 -9.21 36.36
N CYS A 282 5.97 -9.18 35.04
CA CYS A 282 6.18 -7.89 34.37
C CYS A 282 5.04 -6.89 34.63
N CYS A 283 3.81 -7.41 34.72
CA CYS A 283 2.65 -6.54 34.97
C CYS A 283 2.81 -5.74 36.27
N GLN A 284 3.56 -6.35 37.19
CA GLN A 284 3.84 -5.71 38.49
C GLN A 284 4.75 -4.47 38.40
N PHE A 285 5.33 -4.30 37.19
CA PHE A 285 6.20 -3.17 36.94
C PHE A 285 5.60 -2.18 35.92
N ASP A 286 4.30 -2.32 35.72
CA ASP A 286 3.52 -1.27 35.04
C ASP A 286 2.81 -0.48 36.13
N PHE A 287 3.40 0.63 36.56
CA PHE A 287 2.88 1.32 37.75
C PHE A 287 1.61 2.10 37.51
N LYS A 288 1.12 2.11 36.28
CA LYS A 288 -0.22 2.66 36.02
C LYS A 288 -1.33 1.64 36.37
N ARG A 289 -0.97 0.43 36.81
CA ARG A 289 -1.96 -0.61 37.08
C ARG A 289 -2.30 -0.81 38.58
N MET A 290 -2.16 0.22 39.40
CA MET A 290 -2.41 0.03 40.84
C MET A 290 -3.83 0.43 41.28
N GLY A 291 -4.62 1.00 40.36
CA GLY A 291 -6.03 1.23 40.65
C GLY A 291 -6.63 2.57 40.27
N SER A 292 -5.92 3.66 40.52
CA SER A 292 -6.53 4.97 40.29
C SER A 292 -6.66 5.33 38.80
N PHE A 293 -6.04 4.55 37.92
CA PHE A 293 -6.18 4.79 36.50
C PHE A 293 -7.15 3.81 35.85
N GLY A 294 -7.85 3.01 36.66
CA GLY A 294 -8.83 2.11 36.09
C GLY A 294 -8.19 0.76 35.86
N LEU A 295 -6.98 0.78 35.26
CA LEU A 295 -6.29 -0.42 34.76
C LEU A 295 -5.86 -1.32 35.92
N SER A 296 -5.70 -2.59 35.58
CA SER A 296 -5.37 -3.58 36.60
C SER A 296 -4.56 -4.68 35.93
N CYS A 297 -4.08 -5.66 36.71
CA CYS A 297 -3.31 -6.77 36.17
C CYS A 297 -4.19 -8.02 36.00
N PRO A 298 -4.38 -8.51 34.76
CA PRO A 298 -5.18 -9.72 34.56
C PRO A 298 -4.58 -10.99 35.21
N TRP A 299 -3.30 -10.95 35.56
CA TRP A 299 -2.64 -12.14 36.16
C TRP A 299 -2.76 -12.11 37.67
N LYS A 300 -3.50 -11.11 38.18
CA LYS A 300 -4.04 -11.10 39.54
C LYS A 300 -3.10 -10.53 40.64
N VAL A 301 -1.91 -10.11 40.25
CA VAL A 301 -0.99 -9.53 41.21
C VAL A 301 -0.71 -8.07 40.83
N PRO A 302 -1.12 -7.11 41.66
CA PRO A 302 -0.99 -5.71 41.26
C PRO A 302 0.45 -5.20 41.46
N PRO A 303 0.81 -4.13 40.75
CA PRO A 303 2.05 -3.48 41.10
C PRO A 303 1.93 -2.92 42.51
N ARG A 304 3.08 -2.84 43.19
CA ARG A 304 3.18 -2.11 44.46
C ARG A 304 4.23 -1.02 44.35
N THR A 305 3.97 0.13 44.97
CA THR A 305 4.94 1.19 45.04
C THR A 305 6.25 0.66 45.60
N ILE A 306 7.33 1.05 44.96
CA ILE A 306 8.65 0.71 45.40
C ILE A 306 9.03 1.54 46.60
N SER A 307 9.43 0.84 47.67
CA SER A 307 9.89 1.51 48.89
C SER A 307 11.22 0.91 49.36
N ASP A 308 11.80 1.46 50.40
CA ASP A 308 12.95 0.76 51.01
C ASP A 308 12.63 -0.65 51.52
N GLN A 309 11.40 -0.91 51.98
CA GLN A 309 11.04 -2.24 52.52
C GLN A 309 10.93 -3.31 51.44
N ASN A 310 10.70 -2.92 50.19
CA ASN A 310 10.49 -3.94 49.17
C ASN A 310 11.41 -3.86 47.96
N VAL A 311 12.26 -2.83 47.91
CA VAL A 311 13.07 -2.57 46.70
C VAL A 311 13.91 -3.79 46.41
N ALA A 312 14.44 -4.46 47.46
CA ALA A 312 15.32 -5.61 47.18
C ALA A 312 14.61 -6.77 46.53
N ALA A 313 13.46 -7.16 47.06
CA ALA A 313 12.65 -8.24 46.49
C ALA A 313 12.20 -7.89 45.07
N ARG A 314 11.73 -6.68 44.92
CA ARG A 314 11.19 -6.19 43.62
C ARG A 314 12.29 -6.23 42.54
N SER A 315 13.46 -5.72 42.91
CA SER A 315 14.66 -5.76 42.07
C SER A 315 15.08 -7.16 41.69
N ASP A 316 15.03 -8.10 42.64
CA ASP A 316 15.33 -9.51 42.37
C ASP A 316 14.45 -10.00 41.25
N LEU A 317 13.17 -9.72 41.41
CA LEU A 317 12.10 -10.18 40.50
C LEU A 317 12.34 -9.61 39.12
N LEU A 318 12.64 -8.31 39.09
CA LEU A 318 12.75 -7.63 37.80
C LEU A 318 14.04 -8.01 37.09
N VAL A 319 15.16 -8.07 37.82
CA VAL A 319 16.43 -8.43 37.15
C VAL A 319 16.37 -9.85 36.60
N ASP A 320 15.74 -10.76 37.36
CA ASP A 320 15.58 -12.15 36.89
C ASP A 320 14.83 -12.15 35.54
N GLN A 321 13.76 -11.38 35.42
CA GLN A 321 13.05 -11.23 34.10
C GLN A 321 14.02 -10.68 33.04
N TRP A 322 14.80 -9.65 33.39
CA TRP A 322 15.70 -9.05 32.37
C TRP A 322 16.72 -10.07 31.91
N LYS A 323 17.28 -10.84 32.87
CA LYS A 323 18.35 -11.76 32.53
C LYS A 323 17.84 -12.94 31.69
N LYS A 324 16.59 -13.31 31.88
CA LYS A 324 15.89 -14.27 31.02
C LYS A 324 15.70 -13.69 29.62
N LYS A 325 15.17 -12.47 29.56
CA LYS A 325 15.03 -11.85 28.22
C LYS A 325 16.43 -11.76 27.53
N ALA A 326 17.48 -11.38 28.29
CA ALA A 326 18.83 -11.21 27.73
C ALA A 326 19.39 -12.51 27.13
N GLU A 327 18.93 -13.65 27.65
CA GLU A 327 19.33 -14.96 27.11
C GLU A 327 19.00 -15.16 25.62
N LEU A 328 18.03 -14.40 25.13
CA LEU A 328 17.51 -14.59 23.77
C LEU A 328 18.30 -13.77 22.78
N TYR A 329 19.24 -12.95 23.29
CA TYR A 329 20.01 -12.02 22.45
C TYR A 329 21.51 -12.28 22.56
N ARG A 330 22.29 -11.76 21.62
CA ARG A 330 23.72 -12.03 21.58
C ARG A 330 24.63 -11.03 22.25
N THR A 331 24.15 -9.82 22.56
CA THR A 331 25.07 -8.90 23.21
C THR A 331 24.71 -8.72 24.66
N ASN A 332 25.52 -7.92 25.36
CA ASN A 332 25.19 -7.61 26.75
C ASN A 332 24.41 -6.31 26.90
N VAL A 333 23.68 -5.95 25.85
CA VAL A 333 22.91 -4.72 25.86
C VAL A 333 21.44 -5.12 25.65
N LEU A 334 20.57 -4.68 26.54
CA LEU A 334 19.20 -5.16 26.54
C LEU A 334 18.18 -4.05 26.39
N LEU A 335 17.23 -4.26 25.48
CA LEU A 335 16.23 -3.26 25.26
C LEU A 335 14.96 -3.63 26.03
N ILE A 336 14.51 -2.68 26.86
CA ILE A 336 13.25 -2.83 27.59
C ILE A 336 12.28 -1.72 27.24
N PRO A 337 11.40 -1.91 26.28
CA PRO A 337 10.40 -0.86 26.05
C PRO A 337 9.52 -0.71 27.28
N LEU A 338 9.05 0.51 27.53
CA LEU A 338 8.15 0.78 28.66
C LEU A 338 6.98 1.66 28.23
N GLY A 339 5.91 1.04 27.78
CA GLY A 339 4.77 1.85 27.35
C GLY A 339 3.64 0.97 26.85
N ASP A 340 2.65 1.63 26.27
CA ASP A 340 1.43 0.98 25.82
C ASP A 340 0.61 2.09 25.10
N ASP A 341 -0.62 1.75 24.73
CA ASP A 341 -1.45 2.67 23.92
C ASP A 341 -1.82 3.94 24.68
N PHE A 342 -1.52 5.12 24.10
CA PHE A 342 -1.84 6.42 24.68
C PHE A 342 -1.42 6.55 26.15
N ARG A 343 -0.24 5.99 26.43
CA ARG A 343 0.38 6.17 27.74
C ARG A 343 1.07 7.51 27.87
N PHE A 344 1.46 7.77 29.13
CA PHE A 344 2.09 9.01 29.54
C PHE A 344 1.22 10.23 29.31
N LYS A 345 -0.07 10.06 29.59
CA LYS A 345 -1.12 11.07 29.40
C LYS A 345 -1.25 11.98 30.63
N GLN A 346 -1.39 11.36 31.80
CA GLN A 346 -1.59 12.12 33.05
C GLN A 346 -0.24 12.48 33.72
N ASN A 347 -0.15 13.67 34.32
CA ASN A 347 1.04 14.01 35.05
C ASN A 347 1.37 12.97 36.14
N THR A 348 0.34 12.50 36.79
CA THR A 348 0.51 11.49 37.86
C THR A 348 1.07 10.17 37.28
N GLU A 349 0.78 9.88 36.02
CA GLU A 349 1.33 8.67 35.43
C GLU A 349 2.84 8.82 35.16
N TRP A 350 3.23 9.99 34.66
CA TRP A 350 4.63 10.27 34.46
C TRP A 350 5.37 10.09 35.77
N ASP A 351 4.81 10.61 36.87
CA ASP A 351 5.50 10.52 38.15
C ASP A 351 5.53 9.09 38.61
N VAL A 352 4.42 8.35 38.55
CA VAL A 352 4.41 6.99 39.13
C VAL A 352 5.37 6.00 38.40
N GLN A 353 5.46 6.13 37.07
CA GLN A 353 6.39 5.30 36.32
C GLN A 353 7.81 5.75 36.59
N ARG A 354 8.08 7.06 36.45
CA ARG A 354 9.45 7.52 36.61
C ARG A 354 10.03 7.25 37.99
N VAL A 355 9.26 7.65 39.01
CA VAL A 355 9.80 7.56 40.38
C VAL A 355 10.03 6.11 40.78
N ASN A 356 9.09 5.23 40.47
CA ASN A 356 9.27 3.81 40.81
C ASN A 356 10.45 3.17 40.06
N TYR A 357 10.64 3.50 38.77
CA TYR A 357 11.78 2.96 38.07
C TYR A 357 13.10 3.54 38.55
N GLU A 358 13.10 4.83 38.88
CA GLU A 358 14.32 5.42 39.41
C GLU A 358 14.71 4.73 40.71
N ARG A 359 13.71 4.40 41.54
CA ARG A 359 14.05 3.70 42.81
C ARG A 359 14.68 2.32 42.52
N LEU A 360 14.13 1.61 41.54
CA LEU A 360 14.73 0.32 41.10
C LEU A 360 16.11 0.52 40.55
N PHE A 361 16.31 1.51 39.68
CA PHE A 361 17.61 1.67 39.09
C PHE A 361 18.65 1.96 40.17
N GLU A 362 18.31 2.83 41.12
CA GLU A 362 19.29 3.18 42.15
C GLU A 362 19.72 1.93 42.91
N HIS A 363 18.76 1.09 43.30
CA HIS A 363 19.10 -0.14 44.04
C HIS A 363 19.89 -1.11 43.15
N ILE A 364 19.37 -1.40 41.95
CA ILE A 364 19.98 -2.40 41.10
C ILE A 364 21.38 -2.02 40.74
N ASN A 365 21.61 -0.75 40.39
CA ASN A 365 22.91 -0.35 39.85
C ASN A 365 23.98 -0.32 40.95
N SER A 366 23.52 -0.23 42.18
CA SER A 366 24.49 -0.15 43.31
C SER A 366 24.72 -1.53 43.94
N GLN A 367 24.01 -2.54 43.51
CA GLN A 367 24.20 -3.90 44.00
C GLN A 367 25.09 -4.68 43.05
N ALA A 368 26.37 -4.75 43.40
CA ALA A 368 27.34 -5.42 42.55
C ALA A 368 26.87 -6.82 42.20
N HIS A 369 26.18 -7.52 43.11
CA HIS A 369 25.75 -8.90 42.85
C HIS A 369 24.83 -9.06 41.64
N PHE A 370 24.17 -8.00 41.23
CA PHE A 370 23.33 -8.07 40.01
C PHE A 370 24.16 -7.96 38.72
N ASN A 371 25.27 -7.22 38.78
CA ASN A 371 26.08 -6.92 37.58
C ASN A 371 25.23 -6.38 36.44
N VAL A 372 24.39 -5.42 36.80
CA VAL A 372 23.48 -4.76 35.82
C VAL A 372 23.66 -3.25 35.96
N GLN A 373 23.69 -2.52 34.84
CA GLN A 373 23.61 -1.05 34.84
C GLN A 373 22.37 -0.73 34.00
N ALA A 374 21.36 -0.23 34.66
CA ALA A 374 20.03 0.04 34.03
C ALA A 374 19.77 1.52 34.00
N GLN A 375 19.17 2.03 32.94
CA GLN A 375 18.87 3.47 32.85
C GLN A 375 17.75 3.66 31.80
N PHE A 376 17.05 4.80 31.90
CA PHE A 376 16.14 5.19 30.79
C PHE A 376 17.05 5.44 29.60
N GLY A 377 16.54 5.05 28.44
CA GLY A 377 17.27 5.30 27.21
C GLY A 377 16.31 5.54 26.08
N THR A 378 16.92 5.86 24.97
CA THR A 378 16.18 5.99 23.75
C THR A 378 16.59 4.82 22.86
N LEU A 379 15.83 4.69 21.78
CA LEU A 379 16.09 3.59 20.88
C LEU A 379 17.44 3.67 20.21
N GLN A 380 17.85 4.88 19.80
CA GLN A 380 19.13 5.01 19.12
C GLN A 380 20.24 4.68 20.12
N GLU A 381 20.04 4.97 21.41
CA GLU A 381 21.10 4.67 22.39
C GLU A 381 21.30 3.16 22.49
N TYR A 382 20.19 2.41 22.40
CA TYR A 382 20.22 0.99 22.52
C TYR A 382 21.01 0.50 21.31
N PHE A 383 20.60 0.95 20.10
CA PHE A 383 21.31 0.39 18.91
C PHE A 383 22.78 0.80 18.85
N ASP A 384 23.06 2.04 19.24
CA ASP A 384 24.48 2.46 19.31
C ASP A 384 25.28 1.52 20.23
N ALA A 385 24.69 1.17 21.39
CA ALA A 385 25.40 0.29 22.32
C ALA A 385 25.57 -1.12 21.73
N VAL A 386 24.54 -1.62 21.05
CA VAL A 386 24.66 -2.96 20.44
C VAL A 386 25.78 -3.02 19.40
N HIS A 387 25.87 -1.97 18.58
CA HIS A 387 26.87 -1.95 17.54
C HIS A 387 28.28 -1.75 18.09
N GLN A 388 28.36 -1.03 19.20
CA GLN A 388 29.66 -0.95 19.93
C GLN A 388 30.09 -2.34 20.38
N ALA A 389 29.16 -3.13 20.94
CA ALA A 389 29.43 -4.51 21.33
C ALA A 389 29.83 -5.41 20.15
N GLU A 390 29.18 -5.25 19.00
CA GLU A 390 29.52 -5.94 17.76
C GLU A 390 30.93 -5.55 17.30
N ARG A 391 31.26 -4.26 17.41
CA ARG A 391 32.56 -3.77 16.96
C ARG A 391 33.69 -4.26 17.87
N ALA A 392 33.37 -4.45 19.15
CA ALA A 392 34.31 -5.01 20.11
C ALA A 392 34.45 -6.52 19.93
N GLY A 393 33.79 -7.07 18.91
CA GLY A 393 33.88 -8.51 18.60
C GLY A 393 33.08 -9.39 19.53
N GLN A 394 32.11 -8.81 20.22
CA GLN A 394 31.33 -9.51 21.22
C GLN A 394 30.21 -10.38 20.62
N ALA A 395 29.85 -10.09 19.37
CA ALA A 395 28.78 -10.79 18.69
C ALA A 395 28.90 -10.70 17.19
N GLU A 396 28.38 -11.71 16.51
CA GLU A 396 28.25 -11.65 15.07
C GLU A 396 26.78 -11.88 14.82
N PHE A 397 26.20 -11.17 13.85
CA PHE A 397 24.78 -11.29 13.63
C PHE A 397 24.38 -12.10 12.37
N PRO A 398 23.27 -12.87 12.45
CA PRO A 398 22.88 -13.62 11.27
C PRO A 398 22.27 -12.72 10.20
N THR A 399 22.35 -13.18 8.96
CA THR A 399 21.70 -12.51 7.85
C THR A 399 20.36 -13.22 7.60
N LEU A 400 19.37 -12.44 7.15
CA LEU A 400 18.05 -12.97 6.92
C LEU A 400 17.43 -12.32 5.67
N SER A 401 16.63 -13.11 4.97
CA SER A 401 15.78 -12.52 3.92
C SER A 401 14.41 -13.18 3.97
N GLY A 402 13.40 -12.47 3.43
CA GLY A 402 12.05 -12.91 3.44
C GLY A 402 11.11 -11.92 4.09
N ASP A 403 9.89 -12.36 4.27
CA ASP A 403 8.89 -11.48 4.89
C ASP A 403 8.31 -12.15 6.11
N PHE A 404 7.45 -11.42 6.78
CA PHE A 404 6.80 -11.90 8.01
C PHE A 404 5.29 -11.82 7.92
N PHE A 405 4.77 -12.42 6.87
CA PHE A 405 3.35 -12.65 6.73
C PHE A 405 3.12 -14.15 6.54
N THR A 406 1.98 -14.68 6.95
CA THR A 406 0.88 -14.01 7.55
C THR A 406 1.01 -14.15 9.07
N TYR A 407 0.78 -13.03 9.77
CA TYR A 407 0.91 -13.04 11.22
C TYR A 407 -0.23 -13.78 11.92
N ALA A 408 0.15 -14.52 12.96
CA ALA A 408 -0.80 -14.99 13.94
C ALA A 408 -0.27 -14.65 15.33
N ASP A 409 -1.15 -14.15 16.17
CA ASP A 409 -0.71 -13.76 17.53
C ASP A 409 -0.94 -14.89 18.50
N ARG A 410 -1.86 -15.80 18.18
CA ARG A 410 -2.08 -16.98 19.02
C ARG A 410 -2.87 -18.03 18.29
N SER A 411 -2.72 -19.29 18.73
N SER A 411 -2.74 -19.29 18.72
CA SER A 411 -3.41 -20.45 18.12
CA SER A 411 -3.56 -20.38 18.17
C SER A 411 -3.56 -20.38 16.56
C SER A 411 -3.60 -20.32 16.61
N ASP A 412 -4.79 -20.48 16.03
CA ASP A 412 -4.94 -20.46 14.59
C ASP A 412 -5.54 -19.09 14.16
N ASN A 413 -5.30 -18.08 14.99
CA ASN A 413 -5.83 -16.74 14.74
C ASN A 413 -4.88 -15.95 13.80
N TYR A 414 -5.04 -16.21 12.51
CA TYR A 414 -4.22 -15.53 11.47
C TYR A 414 -4.89 -14.23 11.03
N TRP A 415 -4.06 -13.18 10.91
CA TRP A 415 -4.60 -11.87 10.61
C TRP A 415 -4.56 -11.64 9.12
N SER A 416 -5.33 -12.45 8.41
CA SER A 416 -5.46 -12.28 6.96
C SER A 416 -6.78 -11.61 6.59
N GLY A 417 -7.66 -11.32 7.56
CA GLY A 417 -8.92 -10.64 7.25
C GLY A 417 -8.66 -9.21 6.76
N TYR A 418 -7.68 -8.55 7.33
CA TYR A 418 -7.53 -7.11 7.07
C TYR A 418 -6.89 -6.93 5.71
N TYR A 419 -6.49 -8.03 5.03
CA TYR A 419 -5.98 -7.86 3.67
C TYR A 419 -7.15 -7.45 2.73
N THR A 420 -8.40 -7.59 3.18
CA THR A 420 -9.57 -7.28 2.36
C THR A 420 -10.54 -6.29 3.00
N SER A 421 -10.54 -6.20 4.32
CA SER A 421 -11.53 -5.42 5.06
C SER A 421 -11.66 -3.99 4.51
N ARG A 422 -12.93 -3.55 4.37
CA ARG A 422 -13.20 -2.18 3.86
C ARG A 422 -12.50 -1.95 2.50
N PRO A 423 -12.85 -2.80 1.51
CA PRO A 423 -12.19 -2.73 0.19
C PRO A 423 -12.51 -1.44 -0.61
N TYR A 424 -13.59 -0.77 -0.33
CA TYR A 424 -13.88 0.53 -0.99
C TYR A 424 -12.75 1.49 -0.74
N HIS A 425 -12.29 1.51 0.49
CA HIS A 425 -11.24 2.45 0.87
C HIS A 425 -9.86 2.02 0.44
N LYS A 426 -9.64 0.71 0.38
CA LYS A 426 -8.44 0.13 -0.24
C LYS A 426 -8.29 0.61 -1.69
N ARG A 427 -9.38 0.49 -2.44
CA ARG A 427 -9.35 0.97 -3.80
C ARG A 427 -9.15 2.48 -3.86
N MET A 428 -9.83 3.21 -3.00
CA MET A 428 -9.68 4.65 -3.00
C MET A 428 -8.22 5.08 -2.72
N ASP A 429 -7.52 4.31 -1.89
CA ASP A 429 -6.10 4.54 -1.60
C ASP A 429 -5.27 4.58 -2.90
N ARG A 430 -5.50 3.59 -3.79
CA ARG A 430 -4.73 3.48 -5.00
C ARG A 430 -5.13 4.59 -5.99
N VAL A 431 -6.41 5.01 -5.94
CA VAL A 431 -6.85 6.11 -6.84
C VAL A 431 -6.12 7.39 -6.40
N LEU A 432 -6.20 7.66 -5.10
CA LEU A 432 -5.54 8.87 -4.52
C LEU A 432 -4.02 8.81 -4.75
N MET A 433 -3.40 7.64 -4.61
CA MET A 433 -1.98 7.49 -4.91
C MET A 433 -1.63 8.04 -6.29
N HIS A 434 -2.43 7.68 -7.28
CA HIS A 434 -2.12 8.08 -8.64
C HIS A 434 -2.36 9.60 -8.78
N TYR A 435 -3.45 10.11 -8.21
CA TYR A 435 -3.75 11.52 -8.41
C TYR A 435 -2.74 12.43 -7.67
N VAL A 436 -2.23 11.98 -6.51
CA VAL A 436 -1.16 12.75 -5.86
C VAL A 436 0.09 12.80 -6.75
N ARG A 437 0.49 11.66 -7.28
CA ARG A 437 1.65 11.61 -8.15
C ARG A 437 1.44 12.54 -9.33
N ALA A 438 0.26 12.40 -9.96
CA ALA A 438 -0.01 13.23 -11.13
C ALA A 438 -0.02 14.71 -10.84
N ALA A 439 -0.65 15.12 -9.73
CA ALA A 439 -0.75 16.53 -9.42
C ALA A 439 0.66 17.09 -9.10
N GLU A 440 1.47 16.32 -8.36
CA GLU A 440 2.80 16.80 -8.04
C GLU A 440 3.64 16.92 -9.32
N MET A 441 3.54 15.94 -10.20
CA MET A 441 4.31 15.98 -11.44
C MET A 441 3.82 17.11 -12.33
N LEU A 442 2.51 17.18 -12.58
CA LEU A 442 2.01 18.24 -13.47
C LEU A 442 2.35 19.63 -13.02
N SER A 443 2.30 19.84 -11.72
CA SER A 443 2.48 21.21 -11.24
C SER A 443 3.97 21.50 -11.06
N ALA A 444 4.83 20.49 -11.12
CA ALA A 444 6.27 20.66 -10.89
C ALA A 444 6.98 21.39 -12.03
N TRP A 445 6.38 21.34 -13.21
CA TRP A 445 7.03 21.90 -14.43
C TRP A 445 7.21 23.42 -14.29
N HIS A 446 6.34 24.08 -13.52
CA HIS A 446 6.45 25.53 -13.34
C HIS A 446 6.62 25.88 -11.89
N SER A 447 7.02 27.11 -11.65
CA SER A 447 6.92 27.71 -10.34
C SER A 447 5.56 28.43 -10.26
N TRP A 448 4.88 28.43 -9.13
CA TRP A 448 3.57 29.01 -9.06
C TRP A 448 3.59 30.15 -8.07
N ASP A 449 2.96 31.25 -8.45
CA ASP A 449 2.66 32.31 -7.50
C ASP A 449 1.98 31.72 -6.27
N GLY A 450 2.32 32.22 -5.11
CA GLY A 450 1.68 31.86 -3.84
C GLY A 450 0.14 31.95 -3.85
N MET A 451 -0.40 32.88 -4.63
CA MET A 451 -1.84 33.03 -4.76
C MET A 451 -2.55 31.85 -5.42
N ALA A 452 -1.82 31.03 -6.16
CA ALA A 452 -2.39 29.83 -6.77
C ALA A 452 -2.71 28.76 -5.73
N ARG A 453 -2.08 28.84 -4.58
CA ARG A 453 -2.31 27.87 -3.49
C ARG A 453 -1.96 26.44 -3.87
N ILE A 454 -1.02 26.29 -4.78
CA ILE A 454 -0.63 24.95 -5.28
C ILE A 454 0.02 24.17 -4.15
N GLU A 455 1.02 24.76 -3.50
CA GLU A 455 1.72 24.07 -2.39
C GLU A 455 0.76 23.67 -1.28
N GLU A 456 -0.17 24.56 -0.93
CA GLU A 456 -1.13 24.30 0.12
C GLU A 456 -1.96 23.08 -0.23
N ARG A 457 -2.48 23.06 -1.46
CA ARG A 457 -3.35 21.96 -1.89
C ARG A 457 -2.53 20.65 -1.95
N LEU A 458 -1.29 20.71 -2.45
CA LEU A 458 -0.48 19.46 -2.59
C LEU A 458 -0.17 18.97 -1.19
N GLU A 459 0.15 19.88 -0.27
CA GLU A 459 0.42 19.46 1.11
C GLU A 459 -0.77 18.77 1.75
N GLN A 460 -1.95 19.32 1.57
CA GLN A 460 -3.14 18.70 2.13
C GLN A 460 -3.34 17.30 1.54
N ALA A 461 -3.21 17.18 0.19
CA ALA A 461 -3.40 15.86 -0.44
C ALA A 461 -2.35 14.83 0.07
N ARG A 462 -1.08 15.25 0.14
CA ARG A 462 -0.03 14.32 0.57
C ARG A 462 -0.32 13.88 2.01
N ARG A 463 -0.78 14.81 2.85
CA ARG A 463 -1.00 14.47 4.25
C ARG A 463 -2.20 13.60 4.49
N GLU A 464 -3.22 13.72 3.65
CA GLU A 464 -4.42 12.86 3.82
C GLU A 464 -4.06 11.48 3.33
N LEU A 465 -3.35 11.39 2.19
CA LEU A 465 -2.95 10.05 1.76
C LEU A 465 -1.99 9.39 2.75
N SER A 466 -1.06 10.20 3.26
CA SER A 466 -0.10 9.69 4.23
C SER A 466 -0.83 9.18 5.47
N LEU A 467 -1.79 9.96 5.98
CA LEU A 467 -2.51 9.54 7.16
C LEU A 467 -3.14 8.15 6.95
N PHE A 468 -3.71 7.97 5.75
CA PHE A 468 -4.46 6.72 5.51
C PHE A 468 -3.53 5.51 5.49
N GLN A 469 -2.21 5.68 5.35
CA GLN A 469 -1.30 4.53 5.39
C GLN A 469 -1.18 3.95 6.80
N HIS A 470 -1.78 4.64 7.74
CA HIS A 470 -1.80 4.12 9.12
C HIS A 470 -2.27 2.64 9.15
N HIS A 471 -1.75 1.86 10.14
CA HIS A 471 -2.13 0.46 10.27
C HIS A 471 -3.57 0.24 10.75
N ASP A 472 -4.36 1.29 11.01
CA ASP A 472 -5.83 1.10 11.07
C ASP A 472 -6.57 1.92 10.02
N GLY A 473 -5.84 2.39 9.01
CA GLY A 473 -6.41 3.15 7.95
C GLY A 473 -6.71 2.23 6.80
N ILE A 474 -5.73 2.11 5.91
CA ILE A 474 -5.89 1.25 4.74
C ILE A 474 -6.22 -0.18 5.10
N THR A 475 -5.87 -0.61 6.32
CA THR A 475 -6.12 -1.99 6.74
C THR A 475 -7.62 -2.27 6.96
N GLY A 476 -8.42 -1.22 7.12
CA GLY A 476 -9.86 -1.37 7.34
C GLY A 476 -10.20 -1.90 8.72
N THR A 477 -9.32 -1.60 9.67
CA THR A 477 -9.56 -2.06 11.04
C THR A 477 -9.99 -0.92 12.00
N ALA A 478 -10.58 0.17 11.50
CA ALA A 478 -11.04 1.25 12.40
C ALA A 478 -12.58 1.21 12.60
N LYS A 479 -13.08 1.96 13.59
CA LYS A 479 -14.53 2.01 13.79
C LYS A 479 -15.24 2.68 12.64
N THR A 480 -16.53 2.34 12.45
CA THR A 480 -17.27 2.89 11.30
C THR A 480 -17.11 4.39 11.11
N HIS A 481 -17.26 5.15 12.21
CA HIS A 481 -17.23 6.62 12.08
C HIS A 481 -15.80 7.16 11.77
N VAL A 482 -14.79 6.33 12.10
CA VAL A 482 -13.43 6.65 11.83
C VAL A 482 -13.17 6.39 10.34
N VAL A 483 -13.66 5.27 9.85
CA VAL A 483 -13.61 5.02 8.39
C VAL A 483 -14.25 6.17 7.60
N VAL A 484 -15.40 6.65 8.04
CA VAL A 484 -16.04 7.78 7.35
C VAL A 484 -15.13 9.00 7.35
N ASP A 485 -14.48 9.27 8.48
CA ASP A 485 -13.55 10.41 8.59
C ASP A 485 -12.41 10.27 7.56
N TYR A 486 -11.79 9.09 7.45
CA TYR A 486 -10.72 8.86 6.50
C TYR A 486 -11.25 9.08 5.08
N GLU A 487 -12.46 8.59 4.83
CA GLU A 487 -13.08 8.73 3.50
C GLU A 487 -13.31 10.20 3.15
N GLN A 488 -13.87 10.96 4.08
CA GLN A 488 -14.07 12.40 3.82
C GLN A 488 -12.73 13.11 3.58
N ARG A 489 -11.69 12.77 4.36
CA ARG A 489 -10.40 13.40 4.17
C ARG A 489 -9.82 13.07 2.80
N MET A 490 -10.00 11.81 2.34
CA MET A 490 -9.49 11.39 1.04
C MET A 490 -10.31 12.03 -0.09
N GLN A 491 -11.59 12.24 0.10
N GLN A 491 -11.59 12.24 0.11
CA GLN A 491 -12.40 13.01 -0.84
CA GLN A 491 -12.41 13.02 -0.86
C GLN A 491 -11.89 14.44 -1.02
C GLN A 491 -11.84 14.43 -1.03
N GLU A 492 -11.58 15.10 0.09
CA GLU A 492 -11.00 16.46 0.04
C GLU A 492 -9.65 16.44 -0.73
N ALA A 493 -8.83 15.42 -0.48
CA ALA A 493 -7.51 15.26 -1.15
C ALA A 493 -7.67 15.12 -2.63
N LEU A 494 -8.65 14.33 -3.03
CA LEU A 494 -8.93 14.12 -4.46
C LEU A 494 -9.31 15.43 -5.11
N LYS A 495 -10.19 16.20 -4.48
CA LYS A 495 -10.55 17.54 -5.02
C LYS A 495 -9.34 18.46 -5.09
N ALA A 496 -8.46 18.37 -4.10
CA ALA A 496 -7.31 19.24 -4.11
C ALA A 496 -6.42 18.87 -5.33
N CYS A 497 -6.23 17.58 -5.55
CA CYS A 497 -5.43 17.08 -6.65
C CYS A 497 -6.10 17.55 -7.94
N GLN A 498 -7.41 17.43 -8.03
CA GLN A 498 -8.09 17.83 -9.30
C GLN A 498 -7.78 19.29 -9.59
N MET A 499 -7.87 20.16 -8.56
CA MET A 499 -7.68 21.60 -8.74
C MET A 499 -6.26 21.85 -9.29
N VAL A 500 -5.27 21.25 -8.63
CA VAL A 500 -3.92 21.43 -9.06
C VAL A 500 -3.66 20.93 -10.46
N MET A 501 -4.20 19.75 -10.75
CA MET A 501 -3.95 19.17 -12.08
C MET A 501 -4.57 20.05 -13.17
N GLN A 502 -5.80 20.49 -12.96
CA GLN A 502 -6.53 21.21 -14.07
C GLN A 502 -5.88 22.59 -14.30
N GLN A 503 -5.40 23.23 -13.25
CA GLN A 503 -4.70 24.53 -13.41
C GLN A 503 -3.40 24.31 -14.15
N SER A 504 -2.70 23.20 -13.82
CA SER A 504 -1.45 22.86 -14.46
C SER A 504 -1.66 22.60 -15.96
N VAL A 505 -2.68 21.81 -16.27
CA VAL A 505 -2.98 21.50 -17.72
C VAL A 505 -3.24 22.79 -18.48
N TYR A 506 -4.08 23.66 -17.90
CA TYR A 506 -4.36 24.93 -18.58
C TYR A 506 -3.04 25.70 -18.89
N ARG A 507 -2.14 25.76 -17.91
CA ARG A 507 -0.93 26.49 -18.07
C ARG A 507 0.01 25.83 -19.09
N LEU A 508 0.05 24.51 -19.10
CA LEU A 508 0.99 23.76 -19.93
C LEU A 508 0.55 23.72 -21.42
N LEU A 509 -0.74 23.93 -21.65
CA LEU A 509 -1.28 23.78 -23.02
C LEU A 509 -1.89 25.04 -23.58
N THR A 510 -1.58 26.20 -23.00
CA THR A 510 -2.09 27.45 -23.54
C THR A 510 -0.89 28.31 -23.94
N LYS A 511 -0.96 28.90 -25.13
CA LYS A 511 0.10 29.85 -25.59
C LYS A 511 0.40 30.87 -24.49
N PRO A 512 1.69 31.04 -24.14
CA PRO A 512 2.06 31.89 -22.97
C PRO A 512 1.55 33.32 -22.96
N SER A 513 1.49 33.95 -24.13
CA SER A 513 0.99 35.32 -24.24
C SER A 513 -0.55 35.41 -24.13
N ILE A 514 -1.21 34.26 -24.07
CA ILE A 514 -2.66 34.22 -24.02
C ILE A 514 -3.13 33.66 -22.66
N TYR A 515 -2.25 32.92 -22.02
CA TYR A 515 -2.55 32.34 -20.70
C TYR A 515 -2.99 33.40 -19.69
N SER A 516 -4.22 33.29 -19.19
CA SER A 516 -4.79 34.29 -18.30
C SER A 516 -5.53 33.61 -17.12
N PRO A 517 -4.77 33.05 -16.19
CA PRO A 517 -5.37 32.23 -15.16
C PRO A 517 -6.20 33.02 -14.16
N ASP A 518 -7.33 32.45 -13.79
CA ASP A 518 -7.97 32.70 -12.51
C ASP A 518 -7.82 31.44 -11.66
N PHE A 519 -7.14 31.57 -10.52
CA PHE A 519 -6.70 30.40 -9.79
C PHE A 519 -7.83 29.73 -9.00
N SER A 520 -9.01 30.32 -8.99
CA SER A 520 -10.18 29.70 -8.37
C SER A 520 -11.13 29.10 -9.42
N PHE A 521 -10.77 29.18 -10.70
CA PHE A 521 -11.67 28.75 -11.80
C PHE A 521 -11.37 27.31 -12.28
N SER A 522 -12.40 26.60 -12.72
CA SER A 522 -12.23 25.22 -13.28
C SER A 522 -12.19 25.30 -14.78
N TYR A 523 -10.97 25.18 -15.30
CA TYR A 523 -10.74 25.12 -16.75
C TYR A 523 -11.04 23.76 -17.30
N PHE A 524 -10.75 22.72 -16.53
CA PHE A 524 -10.99 21.35 -16.93
C PHE A 524 -11.62 20.63 -15.77
N THR A 525 -12.41 19.62 -16.06
CA THR A 525 -12.81 18.65 -15.04
C THR A 525 -12.20 17.30 -15.38
N LEU A 526 -11.86 16.54 -14.35
CA LEU A 526 -11.35 15.20 -14.57
C LEU A 526 -12.50 14.28 -14.91
N ASP A 527 -12.23 13.33 -15.78
CA ASP A 527 -13.22 12.30 -16.09
C ASP A 527 -12.51 11.00 -15.71
N ASP A 528 -13.09 10.24 -14.79
CA ASP A 528 -12.47 8.99 -14.36
C ASP A 528 -13.49 7.87 -14.60
N SER A 529 -13.12 6.94 -15.46
CA SER A 529 -14.01 5.84 -15.80
C SER A 529 -14.07 4.77 -14.72
N ARG A 530 -13.07 4.73 -13.85
CA ARG A 530 -13.02 3.62 -12.91
C ARG A 530 -13.08 3.95 -11.48
N TRP A 531 -13.39 5.21 -11.15
CA TRP A 531 -13.59 5.54 -9.78
C TRP A 531 -14.53 6.72 -9.73
N PRO A 532 -15.54 6.66 -8.87
CA PRO A 532 -15.96 5.50 -8.07
C PRO A 532 -16.45 4.33 -8.87
N GLY A 533 -16.77 4.57 -10.14
CA GLY A 533 -17.11 3.47 -11.04
C GLY A 533 -18.59 3.43 -11.34
N SER A 534 -18.90 3.05 -12.58
CA SER A 534 -20.25 2.78 -13.08
C SER A 534 -20.93 1.84 -12.09
N GLY A 535 -22.14 2.22 -11.65
CA GLY A 535 -22.85 1.47 -10.62
C GLY A 535 -22.48 1.81 -9.19
N VAL A 536 -21.34 2.46 -8.99
CA VAL A 536 -20.98 2.93 -7.64
C VAL A 536 -21.51 4.36 -7.45
N GLU A 537 -21.20 5.24 -8.40
CA GLU A 537 -21.68 6.62 -8.34
C GLU A 537 -21.85 7.16 -9.77
N ASP A 538 -22.93 7.90 -10.01
CA ASP A 538 -23.07 8.59 -11.31
C ASP A 538 -22.36 9.94 -11.25
N SER A 539 -21.04 9.90 -11.44
CA SER A 539 -20.22 11.09 -11.21
C SER A 539 -19.62 11.65 -12.49
N ARG A 540 -19.78 10.92 -13.61
CA ARG A 540 -19.18 11.32 -14.87
C ARG A 540 -19.99 12.37 -15.57
N THR A 541 -19.33 13.41 -16.08
CA THR A 541 -20.05 14.43 -16.81
C THR A 541 -20.19 13.97 -18.27
N THR A 542 -21.33 14.30 -18.83
CA THR A 542 -21.54 14.02 -20.26
C THR A 542 -21.14 15.23 -21.04
N ILE A 543 -20.38 15.01 -22.11
CA ILE A 543 -20.06 16.13 -22.99
C ILE A 543 -21.26 16.40 -23.86
N ILE A 544 -21.81 17.60 -23.77
CA ILE A 544 -23.03 17.90 -24.52
C ILE A 544 -22.69 18.68 -25.76
N LEU A 545 -23.02 18.10 -26.92
CA LEU A 545 -22.70 18.67 -28.19
C LEU A 545 -23.95 18.64 -29.05
N GLY A 546 -23.99 19.51 -30.03
CA GLY A 546 -25.16 19.50 -30.92
C GLY A 546 -24.97 20.47 -32.05
N GLU A 547 -25.59 20.18 -33.19
CA GLU A 547 -25.44 21.03 -34.39
C GLU A 547 -25.93 22.45 -34.19
N ASP A 548 -26.85 22.65 -33.26
CA ASP A 548 -27.50 23.94 -33.05
C ASP A 548 -26.86 24.67 -31.89
N ILE A 549 -25.97 23.97 -31.19
CA ILE A 549 -25.28 24.53 -30.05
C ILE A 549 -23.78 24.33 -30.26
N LEU A 550 -23.07 23.96 -29.21
CA LEU A 550 -21.64 23.64 -29.30
C LEU A 550 -21.30 22.42 -30.18
N PRO A 551 -20.57 22.60 -31.29
CA PRO A 551 -20.26 21.46 -32.18
C PRO A 551 -19.11 20.57 -31.70
N SER A 552 -18.22 21.11 -30.84
CA SER A 552 -17.05 20.33 -30.56
C SER A 552 -16.47 20.63 -29.20
N LYS A 553 -15.61 19.72 -28.73
CA LYS A 553 -15.04 19.84 -27.37
C LYS A 553 -13.66 19.33 -27.31
N HIS A 554 -12.76 20.06 -26.64
CA HIS A 554 -11.39 19.60 -26.44
C HIS A 554 -11.30 18.70 -25.22
N VAL A 555 -10.57 17.61 -25.36
CA VAL A 555 -10.25 16.77 -24.21
C VAL A 555 -8.75 16.60 -24.18
N VAL A 556 -8.19 16.36 -22.97
CA VAL A 556 -6.78 16.28 -22.79
C VAL A 556 -6.44 15.06 -21.96
N MET A 557 -5.42 14.35 -22.38
CA MET A 557 -4.96 13.17 -21.61
C MET A 557 -3.57 13.46 -21.07
N HIS A 558 -3.33 12.98 -19.84
CA HIS A 558 -2.00 13.12 -19.22
C HIS A 558 -1.43 11.71 -18.98
N ASN A 559 -0.12 11.58 -19.22
CA ASN A 559 0.60 10.33 -19.01
C ASN A 559 1.72 10.54 -18.04
N THR A 560 1.52 10.04 -16.83
CA THR A 560 2.53 10.25 -15.80
C THR A 560 3.81 9.41 -16.03
N LEU A 561 3.76 8.37 -16.87
CA LEU A 561 4.91 7.47 -17.01
C LEU A 561 5.90 8.02 -18.02
N PRO A 562 7.20 7.75 -17.80
CA PRO A 562 8.28 8.30 -18.65
C PRO A 562 8.49 7.58 -19.97
N HIS A 563 7.42 7.16 -20.62
CA HIS A 563 7.57 6.60 -22.00
C HIS A 563 6.29 6.90 -22.76
N TRP A 564 6.39 6.98 -24.09
CA TRP A 564 5.16 7.16 -24.90
C TRP A 564 4.18 6.06 -24.58
N ARG A 565 2.92 6.45 -24.43
CA ARG A 565 1.93 5.47 -24.13
C ARG A 565 0.69 5.65 -24.95
N GLU A 566 0.13 4.54 -25.38
CA GLU A 566 -1.18 4.53 -26.05
C GLU A 566 -2.11 3.78 -25.10
N GLN A 567 -3.33 4.28 -24.94
CA GLN A 567 -4.33 3.61 -24.13
C GLN A 567 -5.70 4.05 -24.69
N LEU A 568 -6.64 3.12 -24.75
CA LEU A 568 -8.00 3.49 -25.10
C LEU A 568 -8.55 4.32 -23.97
N VAL A 569 -9.18 5.41 -24.33
CA VAL A 569 -9.91 6.24 -23.35
C VAL A 569 -11.37 6.37 -23.74
N ASP A 570 -12.26 6.59 -22.78
CA ASP A 570 -13.63 6.75 -23.13
C ASP A 570 -14.25 7.99 -22.49
N PHE A 571 -15.21 8.54 -23.17
CA PHE A 571 -15.97 9.71 -22.69
C PHE A 571 -17.44 9.47 -22.89
N TYR A 572 -18.27 10.07 -22.04
CA TYR A 572 -19.69 10.12 -22.28
C TYR A 572 -20.04 11.33 -23.12
N VAL A 573 -20.92 11.11 -24.12
CA VAL A 573 -21.32 12.15 -25.06
C VAL A 573 -22.82 12.08 -25.31
N SER A 574 -23.38 13.22 -25.67
CA SER A 574 -24.83 13.37 -25.82
C SER A 574 -25.41 12.82 -27.11
N SER A 575 -24.55 12.46 -28.04
CA SER A 575 -24.97 11.94 -29.34
C SER A 575 -24.07 10.77 -29.73
N PRO A 576 -24.63 9.80 -30.48
CA PRO A 576 -23.72 8.77 -30.96
C PRO A 576 -22.90 9.18 -32.17
N PHE A 577 -23.21 10.33 -32.76
CA PHE A 577 -22.61 10.73 -34.01
C PHE A 577 -21.49 11.68 -33.77
N VAL A 578 -20.42 11.13 -33.21
CA VAL A 578 -19.23 11.92 -32.81
C VAL A 578 -17.98 11.38 -33.53
N SER A 579 -17.15 12.31 -34.01
CA SER A 579 -15.87 12.01 -34.67
C SER A 579 -14.76 12.54 -33.75
N VAL A 580 -13.65 11.87 -33.77
CA VAL A 580 -12.48 12.29 -32.95
C VAL A 580 -11.35 12.76 -33.88
N THR A 581 -10.69 13.86 -33.55
CA THR A 581 -9.46 14.22 -34.28
C THR A 581 -8.36 14.58 -33.27
N ASP A 582 -7.11 14.49 -33.69
CA ASP A 582 -6.02 15.13 -32.95
C ASP A 582 -5.90 16.62 -33.27
N LEU A 583 -4.96 17.30 -32.66
CA LEU A 583 -4.93 18.74 -32.88
C LEU A 583 -4.17 19.13 -34.12
N ALA A 584 -3.81 18.16 -34.97
CA ALA A 584 -3.45 18.52 -36.36
C ALA A 584 -4.64 18.21 -37.31
N ASN A 585 -5.82 18.02 -36.72
CA ASN A 585 -7.02 17.65 -37.43
C ASN A 585 -6.97 16.31 -38.17
N ASN A 586 -6.07 15.41 -37.78
CA ASN A 586 -5.97 14.05 -38.31
C ASN A 586 -7.11 13.27 -37.67
N PRO A 587 -7.89 12.55 -38.47
CA PRO A 587 -8.92 11.71 -37.89
C PRO A 587 -8.32 10.61 -37.01
N VAL A 588 -9.08 10.24 -35.97
CA VAL A 588 -8.72 9.19 -35.04
C VAL A 588 -9.86 8.15 -35.03
N GLU A 589 -9.53 6.89 -35.22
CA GLU A 589 -10.55 5.88 -35.23
C GLU A 589 -11.24 5.77 -33.86
N ALA A 590 -12.56 5.72 -33.85
CA ALA A 590 -13.27 5.68 -32.60
C ALA A 590 -14.35 4.63 -32.66
N GLN A 591 -14.83 4.26 -31.49
CA GLN A 591 -15.94 3.34 -31.37
C GLN A 591 -16.94 3.95 -30.39
N VAL A 592 -18.22 3.91 -30.76
CA VAL A 592 -19.33 4.31 -29.87
C VAL A 592 -20.04 3.08 -29.38
N SER A 593 -20.45 3.06 -28.11
CA SER A 593 -21.13 1.95 -27.46
C SER A 593 -22.23 2.61 -26.63
N PRO A 594 -23.29 1.87 -26.28
CA PRO A 594 -24.30 2.44 -25.35
C PRO A 594 -23.63 2.57 -23.95
N VAL A 595 -24.33 3.33 -23.09
CA VAL A 595 -23.98 3.37 -21.67
C VAL A 595 -24.94 2.38 -20.99
N TRP A 596 -24.38 1.32 -20.43
CA TRP A 596 -25.15 0.25 -19.77
C TRP A 596 -24.96 0.36 -18.29
N SER A 597 -26.05 0.34 -17.55
CA SER A 597 -26.01 0.27 -16.08
C SER A 597 -26.85 -0.90 -15.62
N TRP A 598 -26.50 -1.43 -14.46
CA TRP A 598 -27.14 -2.65 -13.97
C TRP A 598 -27.98 -2.33 -12.78
N HIS A 599 -29.10 -3.01 -12.65
CA HIS A 599 -30.07 -2.69 -11.62
C HIS A 599 -30.66 -3.98 -11.09
N HIS A 600 -30.90 -4.04 -9.80
CA HIS A 600 -31.54 -5.21 -9.23
C HIS A 600 -33.01 -5.00 -9.47
N ASP A 601 -33.51 -5.53 -10.60
CA ASP A 601 -34.91 -5.41 -11.00
C ASP A 601 -35.80 -6.28 -10.12
N THR A 602 -36.13 -5.78 -8.93
CA THR A 602 -36.92 -6.52 -7.94
C THR A 602 -38.34 -6.82 -8.44
N LEU A 603 -38.73 -6.22 -9.57
CA LEU A 603 -39.99 -6.60 -10.21
C LEU A 603 -39.88 -7.98 -10.86
N THR A 604 -38.98 -8.13 -11.84
CA THR A 604 -38.69 -9.44 -12.48
C THR A 604 -37.73 -10.37 -11.69
N LYS A 605 -37.22 -9.87 -10.56
CA LYS A 605 -36.21 -10.55 -9.73
C LYS A 605 -34.97 -10.98 -10.49
N THR A 606 -34.52 -10.13 -11.40
CA THR A 606 -33.26 -10.35 -12.08
C THR A 606 -32.35 -9.14 -11.82
N ILE A 607 -31.05 -9.37 -11.92
CA ILE A 607 -30.07 -8.30 -12.03
C ILE A 607 -29.87 -8.11 -13.52
N HIS A 608 -30.28 -6.96 -14.10
CA HIS A 608 -30.27 -6.75 -15.54
C HIS A 608 -29.77 -5.37 -15.93
N PRO A 609 -29.29 -5.25 -17.15
CA PRO A 609 -28.77 -3.98 -17.63
C PRO A 609 -29.88 -3.11 -18.23
N GLN A 610 -29.74 -1.80 -18.11
CA GLN A 610 -30.52 -0.87 -18.88
C GLN A 610 -29.56 -0.04 -19.70
N GLY A 611 -29.99 0.31 -20.90
CA GLY A 611 -29.16 1.17 -21.76
C GLY A 611 -29.65 2.58 -21.62
N SER A 612 -28.70 3.52 -21.66
CA SER A 612 -29.11 4.92 -21.68
C SER A 612 -29.77 5.28 -23.06
N THR A 613 -30.78 6.13 -23.00
CA THR A 613 -31.37 6.71 -24.20
C THR A 613 -30.92 8.15 -24.43
N THR A 614 -30.02 8.64 -23.58
CA THR A 614 -29.67 10.06 -23.57
C THR A 614 -28.17 10.35 -23.63
N LYS A 615 -27.35 9.33 -23.36
CA LYS A 615 -25.92 9.47 -23.51
C LYS A 615 -25.25 8.19 -24.02
N TYR A 616 -24.07 8.38 -24.59
CA TYR A 616 -23.36 7.27 -25.26
C TYR A 616 -21.90 7.32 -24.88
N ARG A 617 -21.14 6.23 -25.10
CA ARG A 617 -19.74 6.16 -24.73
C ARG A 617 -18.95 6.24 -26.03
N ILE A 618 -18.04 7.15 -26.12
CA ILE A 618 -17.06 7.14 -27.22
C ILE A 618 -15.66 6.74 -26.77
N ILE A 619 -15.03 5.84 -27.52
CA ILE A 619 -13.78 5.25 -27.13
C ILE A 619 -12.79 5.42 -28.27
N PHE A 620 -11.56 5.80 -27.94
CA PHE A 620 -10.51 5.93 -28.94
C PHE A 620 -9.15 5.78 -28.33
N LYS A 621 -8.16 5.49 -29.15
CA LYS A 621 -6.83 5.35 -28.65
C LYS A 621 -6.16 6.70 -28.54
N ALA A 622 -5.74 7.06 -27.33
CA ALA A 622 -4.97 8.29 -27.11
C ALA A 622 -3.51 7.93 -27.09
N ARG A 623 -2.70 8.74 -27.74
CA ARG A 623 -1.24 8.54 -27.70
C ARG A 623 -0.65 9.76 -27.05
N VAL A 624 0.12 9.53 -25.97
CA VAL A 624 0.54 10.66 -25.12
C VAL A 624 2.04 10.59 -24.83
N PRO A 625 2.72 11.77 -24.89
CA PRO A 625 4.17 11.78 -24.67
C PRO A 625 4.57 11.32 -23.26
N PRO A 626 5.86 11.04 -23.09
CA PRO A 626 6.33 10.65 -21.74
C PRO A 626 6.15 11.82 -20.78
N MET A 627 5.53 11.57 -19.60
CA MET A 627 5.25 12.62 -18.65
C MET A 627 4.67 13.82 -19.33
N GLY A 628 3.70 13.61 -20.21
CA GLY A 628 3.22 14.74 -20.96
C GLY A 628 1.71 14.69 -21.23
N LEU A 629 1.29 15.49 -22.20
CA LEU A 629 -0.13 15.74 -22.42
C LEU A 629 -0.43 15.70 -23.92
N ALA A 630 -1.63 15.26 -24.24
CA ALA A 630 -2.05 15.29 -25.67
C ALA A 630 -3.50 15.72 -25.72
N THR A 631 -3.83 16.61 -26.67
CA THR A 631 -5.17 17.17 -26.82
C THR A 631 -5.89 16.51 -28.05
N TYR A 632 -7.14 16.16 -27.85
CA TYR A 632 -7.98 15.66 -28.91
C TYR A 632 -9.25 16.48 -28.96
N VAL A 633 -9.98 16.34 -30.04
CA VAL A 633 -11.23 17.11 -30.22
C VAL A 633 -12.36 16.16 -30.58
N LEU A 634 -13.49 16.28 -29.91
CA LEU A 634 -14.70 15.46 -30.23
C LEU A 634 -15.62 16.43 -30.96
N THR A 635 -16.18 16.00 -32.11
CA THR A 635 -17.00 16.85 -32.96
C THR A 635 -18.28 16.09 -33.36
N ILE A 636 -19.41 16.78 -33.26
CA ILE A 636 -20.69 16.13 -33.57
C ILE A 636 -20.84 16.15 -35.08
N SER A 637 -21.61 15.19 -35.60
CA SER A 637 -22.13 15.25 -36.98
C SER A 637 -23.59 14.78 -36.95
N ASP A 638 -24.33 14.97 -38.05
CA ASP A 638 -25.77 14.57 -38.04
C ASP A 638 -26.04 13.10 -38.42
N SER A 639 -25.00 12.43 -38.92
CA SER A 639 -25.10 11.01 -39.26
C SER A 639 -23.78 10.31 -38.86
N LYS A 640 -23.68 9.02 -39.16
CA LYS A 640 -22.45 8.27 -38.90
C LYS A 640 -21.24 8.99 -39.48
N PRO A 641 -20.23 9.19 -38.63
CA PRO A 641 -18.94 9.74 -39.09
C PRO A 641 -18.12 8.65 -39.81
N GLU A 642 -17.24 9.05 -40.74
CA GLU A 642 -16.39 8.11 -41.48
C GLU A 642 -15.54 7.18 -40.61
N HIS A 643 -14.98 7.71 -39.52
CA HIS A 643 -13.99 6.99 -38.77
C HIS A 643 -14.50 6.54 -37.40
N THR A 644 -15.82 6.55 -37.21
CA THR A 644 -16.44 6.05 -35.98
C THR A 644 -17.29 4.83 -36.27
N SER A 645 -17.04 3.75 -35.55
CA SER A 645 -17.82 2.52 -35.66
C SER A 645 -18.72 2.33 -34.43
N TYR A 646 -19.66 1.41 -34.54
CA TYR A 646 -20.67 1.20 -33.50
C TYR A 646 -20.63 -0.22 -33.06
N ALA A 647 -20.63 -0.44 -31.76
CA ALA A 647 -20.64 -1.76 -31.22
C ALA A 647 -21.98 -2.44 -31.46
N SER A 648 -21.92 -3.76 -31.63
CA SER A 648 -23.13 -4.54 -31.54
C SER A 648 -23.35 -5.02 -30.12
N ASN A 649 -24.58 -5.23 -29.74
CA ASN A 649 -24.89 -5.67 -28.42
C ASN A 649 -25.82 -6.85 -28.44
N LEU A 650 -25.56 -7.78 -27.55
CA LEU A 650 -26.35 -9.01 -27.46
C LEU A 650 -26.66 -9.32 -26.03
N LEU A 651 -27.95 -9.46 -25.72
CA LEU A 651 -28.39 -9.78 -24.37
C LEU A 651 -28.87 -11.21 -24.31
N LEU A 652 -28.21 -12.03 -23.50
CA LEU A 652 -28.45 -13.46 -23.46
C LEU A 652 -29.16 -13.72 -22.19
N ARG A 653 -30.39 -14.19 -22.31
CA ARG A 653 -31.25 -14.36 -21.16
C ARG A 653 -32.53 -15.01 -21.66
N LYS A 654 -33.15 -15.81 -20.81
CA LYS A 654 -34.44 -16.35 -21.15
C LYS A 654 -35.49 -15.27 -20.96
N ASN A 655 -36.47 -15.27 -21.85
CA ASN A 655 -37.60 -14.38 -21.69
C ASN A 655 -37.15 -12.91 -21.76
N PRO A 656 -36.47 -12.54 -22.86
CA PRO A 656 -36.01 -11.16 -22.99
C PRO A 656 -37.13 -10.16 -23.28
N THR A 657 -36.89 -8.91 -22.90
CA THR A 657 -37.75 -7.80 -23.32
C THR A 657 -36.84 -6.82 -24.04
N SER A 658 -37.43 -5.91 -24.82
CA SER A 658 -36.68 -4.94 -25.62
C SER A 658 -35.82 -3.99 -24.77
N LEU A 659 -34.75 -3.50 -25.38
CA LEU A 659 -33.85 -2.52 -24.75
C LEU A 659 -33.60 -1.36 -25.72
N PRO A 660 -34.44 -0.29 -25.62
CA PRO A 660 -34.30 0.87 -26.51
C PRO A 660 -33.05 1.64 -26.11
N LEU A 661 -32.40 2.23 -27.10
CA LEU A 661 -31.16 2.99 -26.84
C LEU A 661 -31.17 4.40 -27.46
N GLY A 662 -32.34 5.06 -27.49
CA GLY A 662 -32.38 6.45 -27.96
C GLY A 662 -31.93 6.48 -29.40
N GLN A 663 -30.91 7.31 -29.70
CA GLN A 663 -30.43 7.45 -31.08
C GLN A 663 -29.42 6.41 -31.53
N TYR A 664 -29.03 5.50 -30.65
CA TYR A 664 -27.99 4.53 -31.03
C TYR A 664 -28.38 3.79 -32.31
N PRO A 665 -27.48 3.70 -33.28
CA PRO A 665 -27.93 3.24 -34.63
C PRO A 665 -28.01 1.73 -34.83
N GLU A 666 -27.83 0.92 -33.79
CA GLU A 666 -27.92 -0.51 -34.02
C GLU A 666 -28.73 -1.13 -32.89
N ASP A 667 -29.70 -1.90 -33.23
CA ASP A 667 -30.63 -2.49 -32.27
C ASP A 667 -29.97 -3.60 -31.47
N VAL A 668 -30.32 -3.70 -30.20
CA VAL A 668 -29.81 -4.81 -29.38
C VAL A 668 -30.44 -6.14 -29.92
N LYS A 669 -29.61 -7.18 -29.98
CA LYS A 669 -30.03 -8.53 -30.33
C LYS A 669 -30.22 -9.33 -29.06
N PHE A 670 -31.08 -10.35 -29.11
CA PHE A 670 -31.35 -11.22 -27.99
C PHE A 670 -31.11 -12.68 -28.32
N GLY A 671 -30.96 -13.49 -27.28
CA GLY A 671 -30.66 -14.90 -27.46
C GLY A 671 -30.78 -15.62 -26.14
N ASP A 672 -30.97 -16.94 -26.21
CA ASP A 672 -30.98 -17.75 -25.00
C ASP A 672 -29.54 -17.85 -24.53
N PRO A 673 -29.32 -18.07 -23.23
CA PRO A 673 -27.93 -18.32 -22.77
C PRO A 673 -27.18 -19.37 -23.61
N ARG A 674 -25.96 -19.03 -24.02
CA ARG A 674 -25.12 -19.89 -24.82
C ARG A 674 -23.65 -19.56 -24.60
N GLU A 675 -22.77 -20.52 -24.92
CA GLU A 675 -21.33 -20.27 -24.86
C GLU A 675 -21.03 -19.29 -25.94
N ILE A 676 -20.14 -18.35 -25.69
CA ILE A 676 -19.74 -17.42 -26.73
C ILE A 676 -18.24 -17.22 -26.73
N SER A 677 -17.74 -16.74 -27.83
CA SER A 677 -16.32 -16.53 -28.05
C SER A 677 -16.11 -15.12 -28.64
N LEU A 678 -15.06 -14.42 -28.18
CA LEU A 678 -14.76 -13.10 -28.73
C LEU A 678 -13.28 -12.91 -28.97
N ARG A 679 -12.95 -12.09 -29.95
CA ARG A 679 -11.57 -11.69 -30.17
C ARG A 679 -11.49 -10.24 -30.63
N VAL A 680 -10.69 -9.41 -29.97
CA VAL A 680 -10.42 -8.06 -30.45
C VAL A 680 -9.00 -7.96 -31.03
N GLY A 681 -8.88 -7.33 -32.19
CA GLY A 681 -7.56 -7.02 -32.78
C GLY A 681 -6.90 -8.35 -33.09
N ASN A 682 -5.59 -8.42 -32.87
CA ASN A 682 -4.85 -9.68 -33.05
C ASN A 682 -4.76 -10.44 -31.75
N GLY A 683 -5.42 -9.91 -30.73
CA GLY A 683 -5.26 -10.32 -29.33
C GLY A 683 -5.80 -11.70 -29.14
N PRO A 684 -5.87 -12.15 -27.87
CA PRO A 684 -6.33 -13.49 -27.60
C PRO A 684 -7.83 -13.63 -27.90
N THR A 685 -8.27 -14.87 -28.11
CA THR A 685 -9.66 -15.22 -28.22
C THR A 685 -10.11 -15.79 -26.87
N LEU A 686 -11.19 -15.24 -26.33
CA LEU A 686 -11.70 -15.66 -25.05
C LEU A 686 -13.03 -16.34 -25.26
N ALA A 687 -13.23 -17.44 -24.55
CA ALA A 687 -14.48 -18.15 -24.55
C ALA A 687 -15.15 -18.07 -23.20
N PHE A 688 -16.48 -17.97 -23.23
CA PHE A 688 -17.28 -17.77 -22.03
C PHE A 688 -18.30 -18.86 -21.86
N SER A 689 -18.58 -19.22 -20.62
CA SER A 689 -19.64 -20.15 -20.29
C SER A 689 -20.99 -19.49 -20.59
N GLU A 690 -22.04 -20.29 -20.52
CA GLU A 690 -23.37 -19.75 -20.76
C GLU A 690 -23.80 -18.87 -19.59
N GLN A 691 -23.02 -18.92 -18.50
CA GLN A 691 -23.21 -17.98 -17.40
C GLN A 691 -22.36 -16.70 -17.51
N GLY A 692 -21.62 -16.54 -18.62
CA GLY A 692 -20.95 -15.27 -18.95
C GLY A 692 -19.63 -15.15 -18.22
N LEU A 693 -19.14 -16.29 -17.76
CA LEU A 693 -17.87 -16.34 -17.04
C LEU A 693 -16.82 -16.96 -17.96
N LEU A 694 -15.61 -16.43 -17.92
CA LEU A 694 -14.55 -16.90 -18.77
C LEU A 694 -14.34 -18.37 -18.53
N LYS A 695 -14.10 -19.11 -19.62
CA LYS A 695 -13.86 -20.57 -19.59
C LYS A 695 -12.49 -20.86 -20.19
N SER A 696 -12.06 -20.07 -21.16
CA SER A 696 -10.78 -20.35 -21.79
C SER A 696 -10.19 -19.17 -22.55
N ILE A 697 -8.89 -19.22 -22.82
CA ILE A 697 -8.16 -18.19 -23.53
C ILE A 697 -7.28 -18.89 -24.54
N GLN A 698 -7.33 -18.41 -25.79
CA GLN A 698 -6.46 -18.91 -26.84
C GLN A 698 -5.58 -17.75 -27.29
N LEU A 699 -4.29 -17.85 -27.04
CA LEU A 699 -3.37 -16.73 -27.34
C LEU A 699 -3.22 -16.33 -28.80
N THR A 700 -3.07 -17.29 -29.69
CA THR A 700 -2.95 -17.02 -31.11
C THR A 700 -3.83 -17.96 -31.91
N GLN A 701 -4.02 -17.67 -33.19
CA GLN A 701 -5.01 -18.40 -33.98
C GLN A 701 -4.75 -19.90 -34.02
N ASP A 702 -3.48 -20.28 -34.01
CA ASP A 702 -3.08 -21.68 -34.08
C ASP A 702 -2.96 -22.36 -32.71
N SER A 703 -2.88 -21.56 -31.64
CA SER A 703 -2.55 -22.09 -30.32
C SER A 703 -3.75 -22.76 -29.62
N PRO A 704 -3.51 -23.49 -28.51
CA PRO A 704 -4.59 -24.21 -27.86
C PRO A 704 -5.50 -23.29 -27.04
N HIS A 705 -6.75 -23.70 -26.89
CA HIS A 705 -7.67 -23.03 -25.98
C HIS A 705 -7.34 -23.51 -24.56
N VAL A 706 -6.74 -22.62 -23.76
CA VAL A 706 -6.26 -22.96 -22.42
C VAL A 706 -7.37 -22.74 -21.39
N PRO A 707 -7.76 -23.78 -20.63
CA PRO A 707 -8.79 -23.60 -19.61
C PRO A 707 -8.44 -22.55 -18.54
N VAL A 708 -9.27 -21.54 -18.43
CA VAL A 708 -9.09 -20.48 -17.42
C VAL A 708 -10.53 -20.17 -17.05
N HIS A 709 -10.99 -20.65 -15.91
CA HIS A 709 -12.37 -20.49 -15.50
C HIS A 709 -12.54 -19.57 -14.29
N PHE A 710 -13.31 -18.49 -14.40
CA PHE A 710 -13.70 -17.75 -13.23
C PHE A 710 -14.87 -18.39 -12.48
N LYS A 711 -14.85 -18.30 -11.16
CA LYS A 711 -15.92 -18.77 -10.32
C LYS A 711 -15.94 -17.87 -9.09
N PHE A 712 -17.14 -17.64 -8.59
CA PHE A 712 -17.40 -16.92 -7.37
C PHE A 712 -17.87 -17.85 -6.27
N LEU A 713 -17.27 -17.71 -5.10
CA LEU A 713 -17.61 -18.55 -3.94
C LEU A 713 -17.76 -17.71 -2.69
N LYS A 714 -18.28 -18.30 -1.62
CA LYS A 714 -18.39 -17.58 -0.40
C LYS A 714 -17.81 -18.38 0.76
N TYR A 715 -17.10 -17.68 1.64
CA TYR A 715 -16.79 -18.24 2.95
C TYR A 715 -17.78 -17.79 4.01
N GLY A 716 -17.98 -18.62 5.04
CA GLY A 716 -18.79 -18.29 6.16
C GLY A 716 -17.90 -18.09 7.38
N VAL A 717 -18.55 -18.07 8.52
CA VAL A 717 -17.90 -17.78 9.80
C VAL A 717 -18.22 -18.97 10.71
N ARG A 718 -17.38 -19.20 11.69
CA ARG A 718 -17.58 -20.29 12.64
C ARG A 718 -18.72 -19.97 13.61
N SER A 719 -19.56 -20.98 13.88
CA SER A 719 -20.70 -20.82 14.77
C SER A 719 -20.28 -20.86 16.23
N HIS A 720 -19.37 -21.79 16.54
CA HIS A 720 -18.74 -21.91 17.86
C HIS A 720 -17.22 -21.63 17.74
N GLY A 721 -16.59 -21.18 18.82
CA GLY A 721 -15.17 -20.84 18.72
C GLY A 721 -14.98 -19.46 18.05
N ASP A 722 -13.80 -19.24 17.49
CA ASP A 722 -13.39 -17.86 17.23
C ASP A 722 -14.03 -17.31 15.96
N ARG A 723 -14.44 -16.04 16.03
CA ARG A 723 -15.19 -15.40 14.93
C ARG A 723 -14.26 -14.52 14.09
N SER A 724 -14.42 -14.62 12.76
CA SER A 724 -13.77 -13.66 11.86
C SER A 724 -14.27 -12.26 12.21
N GLY A 725 -13.39 -11.28 12.03
CA GLY A 725 -13.74 -9.87 12.19
C GLY A 725 -12.86 -9.07 11.24
N ALA A 726 -12.73 -7.77 11.58
CA ALA A 726 -11.95 -6.86 10.72
C ALA A 726 -10.51 -7.37 10.50
N TYR A 727 -9.93 -7.97 11.54
CA TYR A 727 -8.58 -8.43 11.50
C TYR A 727 -8.43 -9.87 11.01
N LEU A 728 -9.21 -10.76 11.62
CA LEU A 728 -9.02 -12.22 11.48
C LEU A 728 -9.91 -12.81 10.41
N PHE A 729 -9.36 -13.78 9.71
CA PHE A 729 -10.11 -14.61 8.80
C PHE A 729 -10.09 -16.04 9.38
N LEU A 730 -11.28 -16.46 9.84
CA LEU A 730 -11.48 -17.77 10.48
C LEU A 730 -12.63 -18.49 9.76
N PRO A 731 -12.34 -19.01 8.56
CA PRO A 731 -13.48 -19.53 7.78
C PRO A 731 -14.02 -20.80 8.47
N ASN A 732 -15.31 -21.07 8.27
CA ASN A 732 -15.89 -22.37 8.64
C ASN A 732 -15.71 -23.34 7.47
N GLY A 733 -14.47 -23.58 7.02
CA GLY A 733 -14.25 -24.52 5.93
C GLY A 733 -13.97 -23.85 4.60
N PRO A 734 -13.54 -24.63 3.60
CA PRO A 734 -13.41 -24.18 2.19
C PRO A 734 -14.68 -23.48 1.70
N ALA A 735 -14.49 -22.60 0.72
CA ALA A 735 -15.58 -21.74 0.25
C ALA A 735 -16.57 -22.57 -0.56
N SER A 736 -17.84 -22.16 -0.55
CA SER A 736 -18.91 -22.87 -1.28
C SER A 736 -19.32 -22.02 -2.49
N PRO A 737 -19.69 -22.67 -3.62
CA PRO A 737 -19.99 -21.88 -4.82
C PRO A 737 -21.21 -21.01 -4.67
N VAL A 738 -21.15 -19.79 -5.20
CA VAL A 738 -22.30 -18.87 -5.19
C VAL A 738 -23.26 -19.50 -6.20
N GLU A 739 -24.51 -19.67 -5.80
CA GLU A 739 -25.50 -20.21 -6.72
C GLU A 739 -25.87 -19.10 -7.71
N LEU A 740 -25.62 -19.36 -9.00
CA LEU A 740 -25.80 -18.32 -10.02
C LEU A 740 -27.20 -18.24 -10.58
N GLY A 741 -27.88 -19.37 -10.68
CA GLY A 741 -29.17 -19.45 -11.37
C GLY A 741 -28.97 -19.33 -12.88
N GLN A 742 -29.81 -18.54 -13.52
N GLN A 742 -29.85 -18.62 -13.57
CA GLN A 742 -29.63 -18.23 -14.93
CA GLN A 742 -29.51 -18.24 -14.92
C GLN A 742 -29.40 -16.74 -15.03
C GLN A 742 -29.38 -16.74 -15.02
N PRO A 743 -28.15 -16.29 -14.87
CA PRO A 743 -27.91 -14.83 -14.90
C PRO A 743 -27.99 -14.23 -16.30
N VAL A 744 -28.29 -12.94 -16.31
CA VAL A 744 -28.33 -12.17 -17.51
C VAL A 744 -26.92 -11.82 -17.96
N VAL A 745 -26.63 -12.08 -19.23
CA VAL A 745 -25.34 -11.87 -19.84
C VAL A 745 -25.43 -10.85 -20.95
N LEU A 746 -24.63 -9.79 -20.85
CA LEU A 746 -24.60 -8.75 -21.86
C LEU A 746 -23.30 -8.81 -22.58
N VAL A 747 -23.35 -8.87 -23.92
CA VAL A 747 -22.19 -8.99 -24.75
C VAL A 747 -22.14 -7.78 -25.66
N THR A 748 -21.02 -7.06 -25.65
CA THR A 748 -20.82 -5.92 -26.56
C THR A 748 -19.63 -6.24 -27.44
N LYS A 749 -19.76 -6.11 -28.76
CA LYS A 749 -18.73 -6.48 -29.69
C LYS A 749 -18.42 -5.27 -30.52
N GLY A 750 -17.20 -4.80 -30.36
CA GLY A 750 -16.73 -3.65 -31.12
C GLY A 750 -15.34 -3.88 -31.69
N LYS A 751 -14.95 -2.98 -32.59
CA LYS A 751 -13.70 -3.14 -33.29
C LYS A 751 -12.55 -2.82 -32.34
N LEU A 752 -12.78 -1.85 -31.44
CA LEU A 752 -11.73 -1.44 -30.49
C LEU A 752 -11.87 -2.08 -29.12
N GLU A 753 -13.08 -2.46 -28.73
CA GLU A 753 -13.31 -2.92 -27.35
C GLU A 753 -14.56 -3.79 -27.37
N SER A 754 -14.47 -4.96 -26.76
CA SER A 754 -15.60 -5.85 -26.63
C SER A 754 -15.70 -6.21 -25.17
N SER A 755 -16.86 -6.69 -24.74
CA SER A 755 -16.97 -7.07 -23.33
C SER A 755 -18.05 -8.06 -23.08
N VAL A 756 -17.92 -8.84 -22.03
CA VAL A 756 -19.01 -9.70 -21.54
C VAL A 756 -19.27 -9.34 -20.10
N SER A 757 -20.51 -8.96 -19.75
CA SER A 757 -20.85 -8.63 -18.39
C SER A 757 -21.99 -9.49 -17.92
N VAL A 758 -21.98 -9.87 -16.64
CA VAL A 758 -22.98 -10.76 -16.12
C VAL A 758 -23.41 -10.29 -14.76
N GLY A 759 -24.70 -10.26 -14.52
CA GLY A 759 -25.26 -9.87 -13.23
C GLY A 759 -25.39 -11.06 -12.32
N LEU A 760 -24.44 -11.25 -11.42
CA LEU A 760 -24.47 -12.39 -10.49
C LEU A 760 -24.96 -11.88 -9.15
N PRO A 761 -25.38 -12.80 -8.25
CA PRO A 761 -25.69 -12.30 -6.89
C PRO A 761 -24.46 -11.64 -6.24
N SER A 762 -24.66 -10.39 -5.83
CA SER A 762 -23.66 -9.56 -5.16
C SER A 762 -22.55 -9.00 -6.04
N VAL A 763 -22.48 -9.43 -7.30
CA VAL A 763 -21.38 -9.01 -8.18
C VAL A 763 -21.81 -8.85 -9.61
N VAL A 764 -21.60 -7.66 -10.15
CA VAL A 764 -21.67 -7.53 -11.61
C VAL A 764 -20.26 -7.72 -12.15
N HIS A 765 -20.05 -8.78 -12.93
CA HIS A 765 -18.73 -9.21 -13.32
C HIS A 765 -18.54 -8.91 -14.76
N GLN A 766 -17.45 -8.26 -15.11
N GLN A 766 -17.47 -8.23 -15.11
CA GLN A 766 -17.24 -7.81 -16.48
CA GLN A 766 -17.27 -7.79 -16.50
C GLN A 766 -15.86 -8.24 -16.93
C GLN A 766 -15.87 -8.09 -17.01
N THR A 767 -15.80 -8.73 -18.17
CA THR A 767 -14.54 -9.03 -18.85
C THR A 767 -14.45 -8.13 -20.05
N ILE A 768 -13.38 -7.34 -20.14
CA ILE A 768 -13.23 -6.36 -21.20
C ILE A 768 -11.99 -6.69 -22.04
N MET A 769 -12.14 -6.58 -23.35
N MET A 769 -12.15 -6.71 -23.36
CA MET A 769 -11.09 -6.94 -24.28
CA MET A 769 -11.04 -7.00 -24.28
C MET A 769 -10.79 -5.74 -25.18
C MET A 769 -10.79 -5.79 -25.18
N ARG A 770 -9.54 -5.31 -25.18
CA ARG A 770 -9.13 -4.20 -26.05
C ARG A 770 -7.97 -4.62 -26.96
N GLY A 771 -7.74 -5.90 -27.04
CA GLY A 771 -6.70 -6.40 -27.93
C GLY A 771 -5.46 -6.98 -27.29
N GLY A 772 -5.30 -6.86 -25.98
CA GLY A 772 -4.25 -7.68 -25.31
C GLY A 772 -4.86 -8.40 -24.11
N ALA A 773 -4.13 -8.49 -22.99
CA ALA A 773 -4.70 -9.10 -21.79
C ALA A 773 -6.07 -8.48 -21.39
N PRO A 774 -7.03 -9.31 -21.06
CA PRO A 774 -8.29 -8.71 -20.64
C PRO A 774 -8.23 -7.90 -19.32
N GLU A 775 -9.18 -6.99 -19.19
CA GLU A 775 -9.48 -6.30 -17.97
C GLU A 775 -10.68 -6.96 -17.35
N ILE A 776 -10.65 -7.19 -16.07
CA ILE A 776 -11.78 -7.64 -15.35
C ILE A 776 -12.25 -6.51 -14.41
N ARG A 777 -13.55 -6.27 -14.38
CA ARG A 777 -14.11 -5.37 -13.41
C ARG A 777 -15.20 -6.05 -12.64
N ASN A 778 -15.12 -6.00 -11.32
CA ASN A 778 -16.24 -6.45 -10.52
C ASN A 778 -16.87 -5.33 -9.73
N LEU A 779 -18.15 -5.10 -9.93
CA LEU A 779 -18.93 -4.22 -9.07
C LEU A 779 -19.51 -5.07 -7.96
N VAL A 780 -18.94 -4.94 -6.76
CA VAL A 780 -19.26 -5.86 -5.68
C VAL A 780 -20.14 -5.17 -4.65
N ASP A 781 -21.33 -5.73 -4.39
CA ASP A 781 -22.28 -5.18 -3.42
C ASP A 781 -22.78 -6.31 -2.55
N ILE A 782 -22.08 -6.52 -1.45
CA ILE A 782 -22.34 -7.70 -0.61
C ILE A 782 -23.69 -7.51 0.10
N GLY A 783 -24.34 -6.36 -0.07
CA GLY A 783 -25.72 -6.14 0.41
C GLY A 783 -25.83 -6.47 1.89
N SER A 784 -26.80 -7.31 2.26
CA SER A 784 -26.98 -7.62 3.68
C SER A 784 -26.68 -9.08 3.95
N LEU A 785 -25.77 -9.64 3.14
CA LEU A 785 -25.27 -10.98 3.41
C LEU A 785 -24.31 -10.99 4.60
N ASP A 786 -24.89 -10.96 5.80
CA ASP A 786 -24.09 -11.00 7.01
C ASP A 786 -23.23 -12.28 7.13
N ASN A 787 -22.06 -12.13 7.75
CA ASN A 787 -21.17 -13.27 8.02
C ASN A 787 -20.79 -14.04 6.77
N THR A 788 -20.40 -13.30 5.74
CA THR A 788 -20.08 -13.84 4.44
C THR A 788 -18.85 -13.14 3.92
N GLU A 789 -18.01 -13.87 3.19
CA GLU A 789 -16.84 -13.32 2.49
C GLU A 789 -16.94 -13.82 1.06
N ILE A 790 -16.91 -12.92 0.08
CA ILE A 790 -17.05 -13.34 -1.32
C ILE A 790 -15.68 -13.38 -1.91
N VAL A 791 -15.36 -14.49 -2.56
CA VAL A 791 -14.08 -14.70 -3.19
C VAL A 791 -14.26 -14.96 -4.69
N MET A 792 -13.35 -14.41 -5.48
CA MET A 792 -13.24 -14.74 -6.90
C MET A 792 -12.10 -15.69 -7.10
N ARG A 793 -12.37 -16.82 -7.76
CA ARG A 793 -11.37 -17.80 -8.00
C ARG A 793 -11.20 -18.03 -9.46
N LEU A 794 -9.96 -18.31 -9.84
CA LEU A 794 -9.56 -18.71 -11.19
C LEU A 794 -9.08 -20.14 -11.11
N GLU A 795 -9.67 -20.99 -11.94
CA GLU A 795 -9.26 -22.39 -11.93
C GLU A 795 -8.64 -22.68 -13.28
N THR A 796 -7.42 -23.19 -13.23
CA THR A 796 -6.66 -23.55 -14.42
C THR A 796 -6.03 -24.97 -14.28
N HIS A 797 -5.33 -25.40 -15.33
CA HIS A 797 -4.71 -26.73 -15.26
C HIS A 797 -3.21 -26.49 -15.22
N ILE A 798 -2.81 -25.30 -14.75
CA ILE A 798 -1.39 -25.04 -14.62
C ILE A 798 -0.89 -25.89 -13.44
N ASP A 799 0.26 -26.54 -13.63
CA ASP A 799 0.72 -27.51 -12.67
C ASP A 799 1.66 -26.77 -11.73
N SER A 800 1.03 -25.90 -10.93
CA SER A 800 1.81 -25.04 -10.04
C SER A 800 2.13 -25.76 -8.73
N GLY A 801 1.42 -26.84 -8.40
CA GLY A 801 1.73 -27.56 -7.16
C GLY A 801 1.29 -26.78 -5.95
N ASP A 802 2.26 -26.47 -5.07
CA ASP A 802 1.96 -25.71 -3.85
C ASP A 802 2.59 -24.32 -3.93
N ILE A 803 3.16 -23.97 -5.08
CA ILE A 803 3.84 -22.67 -5.26
C ILE A 803 2.98 -21.60 -5.91
N PHE A 804 3.13 -20.37 -5.41
CA PHE A 804 2.51 -19.22 -6.07
C PHE A 804 3.32 -17.99 -5.66
N TYR A 805 3.02 -16.88 -6.26
CA TYR A 805 3.81 -15.66 -6.07
C TYR A 805 2.84 -14.50 -5.82
N THR A 806 3.22 -13.66 -4.84
CA THR A 806 2.35 -12.53 -4.52
C THR A 806 3.26 -11.34 -4.41
N ASP A 807 2.74 -10.13 -4.66
CA ASP A 807 3.63 -9.01 -4.53
C ASP A 807 3.72 -8.50 -3.09
N LEU A 808 4.79 -7.73 -2.86
CA LEU A 808 4.93 -7.01 -1.58
C LEU A 808 4.97 -5.53 -1.94
N ASN A 809 3.93 -4.81 -1.47
CA ASN A 809 3.85 -3.36 -1.62
C ASN A 809 4.01 -2.87 -3.05
N GLY A 810 3.70 -3.69 -4.04
CA GLY A 810 3.84 -3.21 -5.40
C GLY A 810 5.26 -3.16 -5.91
N LEU A 811 6.21 -3.60 -5.06
CA LEU A 811 7.63 -3.46 -5.31
C LEU A 811 8.31 -4.72 -5.84
N GLN A 812 7.93 -5.87 -5.30
CA GLN A 812 8.65 -7.12 -5.62
C GLN A 812 7.65 -8.23 -5.49
N PHE A 813 7.96 -9.38 -6.10
CA PHE A 813 7.12 -10.54 -5.99
C PHE A 813 7.88 -11.59 -5.23
N ILE A 814 7.24 -12.16 -4.25
CA ILE A 814 7.86 -13.15 -3.38
C ILE A 814 7.22 -14.52 -3.63
N LYS A 815 8.07 -15.58 -3.65
CA LYS A 815 7.57 -16.93 -3.77
C LYS A 815 6.86 -17.32 -2.48
N ARG A 816 5.62 -17.84 -2.61
CA ARG A 816 4.87 -18.42 -1.52
C ARG A 816 4.77 -19.95 -1.68
N ARG A 817 4.62 -20.67 -0.57
CA ARG A 817 4.36 -22.13 -0.67
C ARG A 817 3.20 -22.43 0.23
N ARG A 818 2.11 -22.97 -0.33
CA ARG A 818 0.96 -23.41 0.42
C ARG A 818 1.45 -24.55 1.28
N LEU A 819 1.17 -24.48 2.57
CA LEU A 819 1.55 -25.57 3.48
C LEU A 819 0.33 -26.21 4.11
N ASP A 820 0.20 -27.51 3.94
CA ASP A 820 -0.95 -28.22 4.52
C ASP A 820 -0.83 -28.30 6.03
N LYS A 821 0.38 -28.09 6.56
CA LYS A 821 0.54 -28.00 8.01
C LYS A 821 -0.03 -26.71 8.62
N LEU A 822 -0.40 -25.75 7.75
CA LEU A 822 -1.06 -24.50 8.19
C LEU A 822 -2.55 -24.46 7.77
N PRO A 823 -3.41 -23.81 8.56
CA PRO A 823 -4.82 -23.79 8.12
C PRO A 823 -5.04 -22.86 6.93
N LEU A 824 -6.22 -22.95 6.32
CA LEU A 824 -6.45 -22.22 5.07
C LEU A 824 -6.08 -20.73 5.23
N GLN A 825 -6.50 -20.15 6.35
CA GLN A 825 -6.37 -18.68 6.52
C GLN A 825 -4.91 -18.24 6.66
N ALA A 826 -4.05 -19.17 7.01
CA ALA A 826 -2.63 -18.90 7.09
C ALA A 826 -2.02 -18.87 5.71
N ASN A 827 -2.66 -19.52 4.71
CA ASN A 827 -2.12 -19.56 3.38
C ASN A 827 -2.60 -18.38 2.51
N TYR A 828 -3.36 -17.45 3.17
CA TYR A 828 -3.81 -16.20 2.54
C TYR A 828 -2.73 -15.16 2.76
N TYR A 829 -2.41 -14.42 1.71
CA TYR A 829 -1.37 -13.38 1.74
C TYR A 829 -1.91 -12.11 1.21
N PRO A 830 -1.25 -10.99 1.53
CA PRO A 830 -1.63 -9.76 0.87
C PRO A 830 -1.37 -9.81 -0.64
N ILE A 831 -2.31 -9.29 -1.41
CA ILE A 831 -2.13 -9.08 -2.83
C ILE A 831 -2.24 -7.60 -3.10
N PRO A 832 -1.16 -6.89 -2.86
CA PRO A 832 -1.23 -5.45 -3.03
C PRO A 832 -1.18 -4.97 -4.44
N SER A 833 -0.72 -5.80 -5.36
CA SER A 833 -0.74 -5.41 -6.79
C SER A 833 -0.83 -6.59 -7.74
N GLY A 834 -0.56 -7.76 -7.24
CA GLY A 834 -0.56 -8.86 -8.22
C GLY A 834 -0.25 -10.17 -7.60
N MET A 835 -0.56 -11.24 -8.34
CA MET A 835 -0.16 -12.58 -7.92
C MET A 835 -0.01 -13.43 -9.19
N PHE A 836 0.75 -14.51 -9.11
CA PHE A 836 0.79 -15.44 -10.29
C PHE A 836 1.08 -16.83 -9.88
N ILE A 837 0.69 -17.76 -10.75
CA ILE A 837 1.09 -19.18 -10.65
C ILE A 837 1.70 -19.51 -11.98
N GLU A 838 2.58 -20.50 -11.93
CA GLU A 838 3.22 -20.95 -13.15
C GLU A 838 3.68 -22.38 -13.05
N ASP A 839 3.88 -22.97 -14.21
CA ASP A 839 4.57 -24.25 -14.27
C ASP A 839 5.65 -24.11 -15.33
N ALA A 840 6.18 -25.23 -15.84
CA ALA A 840 7.25 -25.11 -16.77
C ALA A 840 6.89 -24.34 -18.06
N ASN A 841 5.64 -24.39 -18.48
CA ASN A 841 5.31 -23.78 -19.76
C ASN A 841 4.37 -22.54 -19.71
N THR A 842 3.58 -22.42 -18.66
CA THR A 842 2.48 -21.46 -18.70
C THR A 842 2.44 -20.69 -17.39
N ARG A 843 2.17 -19.39 -17.52
CA ARG A 843 1.94 -18.55 -16.33
C ARG A 843 0.61 -17.80 -16.41
N LEU A 844 -0.10 -17.72 -15.28
CA LEU A 844 -1.29 -16.88 -15.22
C LEU A 844 -1.02 -15.83 -14.15
N THR A 845 -1.07 -14.58 -14.58
CA THR A 845 -0.82 -13.44 -13.69
C THR A 845 -2.09 -12.63 -13.56
N LEU A 846 -2.49 -12.33 -12.33
CA LEU A 846 -3.65 -11.47 -12.02
C LEU A 846 -3.13 -10.18 -11.37
N LEU A 847 -3.24 -9.05 -12.08
CA LEU A 847 -2.81 -7.73 -11.54
C LEU A 847 -4.06 -7.08 -10.95
N THR A 848 -3.86 -6.31 -9.88
N THR A 848 -3.87 -6.29 -9.90
CA THR A 848 -4.98 -5.68 -9.21
CA THR A 848 -5.02 -5.76 -9.17
C THR A 848 -4.85 -4.15 -9.16
C THR A 848 -4.88 -4.23 -9.01
N GLY A 849 -6.01 -3.52 -9.13
CA GLY A 849 -6.02 -2.07 -8.90
C GLY A 849 -6.35 -1.67 -7.45
N GLN A 850 -6.28 -2.65 -6.54
CA GLN A 850 -6.61 -2.42 -5.12
C GLN A 850 -6.02 -3.58 -4.36
N PRO A 851 -5.52 -3.31 -3.16
CA PRO A 851 -4.97 -4.41 -2.36
C PRO A 851 -6.07 -5.27 -1.78
N LEU A 852 -5.94 -6.59 -1.92
CA LEU A 852 -6.87 -7.53 -1.36
C LEU A 852 -6.13 -8.76 -0.85
N GLY A 853 -6.81 -9.69 -0.20
CA GLY A 853 -6.17 -10.91 0.28
C GLY A 853 -6.36 -12.03 -0.73
N GLY A 854 -5.40 -12.95 -0.84
CA GLY A 854 -5.61 -14.03 -1.81
C GLY A 854 -4.69 -15.18 -1.58
N SER A 855 -4.88 -16.24 -2.37
CA SER A 855 -4.05 -17.42 -2.17
C SER A 855 -4.15 -18.24 -3.43
N SER A 856 -3.43 -19.37 -3.43
CA SER A 856 -3.61 -20.46 -4.37
C SER A 856 -3.82 -21.67 -3.45
N LEU A 857 -5.07 -22.13 -3.29
CA LEU A 857 -5.40 -23.20 -2.31
C LEU A 857 -5.29 -24.64 -2.86
N ALA A 858 -5.03 -24.71 -4.15
CA ALA A 858 -4.89 -25.98 -4.89
C ALA A 858 -4.11 -25.65 -6.11
N SER A 859 -3.40 -26.65 -6.62
CA SER A 859 -2.64 -26.57 -7.80
C SER A 859 -3.49 -26.00 -8.93
N GLY A 860 -2.98 -24.98 -9.64
CA GLY A 860 -3.68 -24.38 -10.75
C GLY A 860 -4.68 -23.29 -10.39
N GLU A 861 -4.93 -23.02 -9.11
CA GLU A 861 -5.91 -22.00 -8.73
C GLU A 861 -5.29 -20.73 -8.22
N LEU A 862 -6.01 -19.65 -8.44
CA LEU A 862 -5.70 -18.35 -7.79
C LEU A 862 -7.01 -17.90 -7.23
N GLU A 863 -7.03 -17.24 -6.08
CA GLU A 863 -8.27 -16.65 -5.62
C GLU A 863 -7.99 -15.37 -4.89
N ILE A 864 -8.95 -14.48 -4.95
CA ILE A 864 -8.75 -13.12 -4.37
C ILE A 864 -10.05 -12.69 -3.75
N MET A 865 -10.04 -12.32 -2.48
CA MET A 865 -11.23 -11.99 -1.76
C MET A 865 -11.72 -10.62 -2.25
N GLN A 866 -13.04 -10.51 -2.43
CA GLN A 866 -13.62 -9.27 -2.96
C GLN A 866 -14.23 -8.36 -1.90
N ASP A 867 -14.89 -8.95 -0.89
CA ASP A 867 -15.47 -8.20 0.20
C ASP A 867 -15.84 -9.15 1.32
N ARG A 868 -16.09 -8.57 2.48
CA ARG A 868 -16.45 -9.40 3.64
C ARG A 868 -17.31 -8.57 4.56
N ARG A 869 -18.37 -9.20 5.11
CA ARG A 869 -19.36 -8.55 5.97
C ARG A 869 -19.53 -9.45 7.19
N LEU A 870 -19.04 -8.95 8.30
CA LEU A 870 -18.93 -9.74 9.56
C LEU A 870 -19.71 -9.10 10.70
N ALA A 871 -20.59 -9.86 11.34
CA ALA A 871 -21.43 -9.23 12.35
C ALA A 871 -20.85 -9.34 13.74
N SER A 872 -19.70 -9.98 13.86
CA SER A 872 -19.07 -10.21 15.17
C SER A 872 -17.76 -9.48 15.27
N ASP A 873 -17.42 -9.05 16.48
CA ASP A 873 -16.08 -8.57 16.83
C ASP A 873 -15.11 -9.77 16.90
N ASP A 874 -13.85 -9.54 16.53
CA ASP A 874 -12.83 -10.60 16.62
C ASP A 874 -11.85 -10.42 17.80
N GLU A 875 -12.27 -9.68 18.81
CA GLU A 875 -11.58 -9.63 20.10
C GLU A 875 -10.15 -9.06 20.01
N ARG A 876 -9.93 -8.16 19.04
CA ARG A 876 -8.66 -7.42 18.96
C ARG A 876 -8.81 -5.92 19.25
N GLY A 877 -9.87 -5.53 19.95
CA GLY A 877 -10.01 -4.19 20.55
C GLY A 877 -10.91 -3.23 19.76
N LEU A 878 -11.31 -3.64 18.57
CA LEU A 878 -12.20 -2.81 17.77
C LEU A 878 -13.62 -2.71 18.35
N GLY A 879 -14.15 -3.80 18.89
CA GLY A 879 -15.49 -3.76 19.48
C GLY A 879 -16.63 -3.57 18.49
N GLN A 880 -16.46 -4.00 17.26
CA GLN A 880 -17.54 -3.98 16.29
C GLN A 880 -17.15 -4.94 15.21
N GLY A 881 -18.11 -5.39 14.42
CA GLY A 881 -17.81 -6.21 13.23
C GLY A 881 -17.60 -5.29 12.04
N VAL A 882 -17.80 -5.83 10.85
CA VAL A 882 -17.65 -5.04 9.64
C VAL A 882 -18.99 -5.13 8.93
N LEU A 883 -19.74 -4.04 9.03
CA LEU A 883 -21.14 -4.03 8.56
C LEU A 883 -21.46 -2.74 7.85
N ASP A 884 -20.42 -2.08 7.36
CA ASP A 884 -20.54 -0.79 6.70
C ASP A 884 -20.13 -0.89 5.24
N ASN A 885 -20.33 -2.06 4.64
CA ASN A 885 -19.96 -2.32 3.23
C ASN A 885 -20.71 -1.39 2.27
N LYS A 886 -20.02 -0.97 1.24
CA LYS A 886 -20.66 -0.17 0.18
C LYS A 886 -20.17 -0.68 -1.13
N PRO A 887 -20.96 -0.51 -2.21
CA PRO A 887 -20.53 -0.99 -3.51
C PRO A 887 -19.14 -0.47 -3.90
N VAL A 888 -18.32 -1.35 -4.45
CA VAL A 888 -16.98 -0.99 -4.83
C VAL A 888 -16.73 -1.62 -6.19
N LEU A 889 -16.07 -0.89 -7.10
CA LEU A 889 -15.64 -1.39 -8.40
C LEU A 889 -14.15 -1.84 -8.30
N HIS A 890 -13.94 -3.16 -8.21
CA HIS A 890 -12.61 -3.71 -8.26
C HIS A 890 -12.12 -3.91 -9.65
N ILE A 891 -10.90 -3.61 -9.92
CA ILE A 891 -10.38 -3.70 -11.28
C ILE A 891 -9.15 -4.60 -11.30
N TYR A 892 -8.99 -5.34 -12.40
CA TYR A 892 -7.91 -6.27 -12.54
C TYR A 892 -7.44 -6.36 -13.99
N ARG A 893 -6.28 -6.94 -14.19
CA ARG A 893 -5.88 -7.42 -15.55
C ARG A 893 -5.49 -8.87 -15.41
N LEU A 894 -5.80 -9.66 -16.43
CA LEU A 894 -5.52 -11.10 -16.38
C LEU A 894 -4.60 -11.42 -17.54
N VAL A 895 -3.40 -11.92 -17.23
CA VAL A 895 -2.35 -12.10 -18.24
C VAL A 895 -1.97 -13.57 -18.27
N LEU A 896 -2.30 -14.24 -19.39
CA LEU A 896 -1.88 -15.61 -19.59
C LEU A 896 -0.72 -15.63 -20.55
N GLU A 897 0.36 -16.28 -20.16
CA GLU A 897 1.56 -16.24 -20.95
C GLU A 897 2.23 -17.61 -21.07
N LYS A 898 2.81 -17.86 -22.25
N LYS A 898 2.79 -17.88 -22.24
CA LYS A 898 3.76 -18.95 -22.46
CA LYS A 898 3.76 -18.94 -22.45
C LYS A 898 5.11 -18.54 -21.89
C LYS A 898 5.12 -18.55 -21.90
N VAL A 899 5.66 -19.32 -20.97
CA VAL A 899 6.92 -18.93 -20.30
C VAL A 899 8.06 -19.96 -20.39
N ASN A 900 7.88 -20.98 -21.22
CA ASN A 900 8.94 -21.96 -21.38
C ASN A 900 10.24 -21.38 -21.96
N ASN A 901 10.18 -20.29 -22.72
CA ASN A 901 11.38 -19.59 -23.19
C ASN A 901 11.98 -18.55 -22.23
N CYS A 902 11.31 -18.28 -21.12
CA CYS A 902 11.79 -17.20 -20.25
C CYS A 902 12.91 -17.66 -19.35
N VAL A 903 13.78 -16.72 -19.06
CA VAL A 903 14.91 -16.98 -18.18
C VAL A 903 14.44 -16.67 -16.76
N ARG A 904 14.16 -17.74 -16.02
CA ARG A 904 13.57 -17.62 -14.69
C ARG A 904 14.57 -17.97 -13.61
N PRO A 905 14.32 -17.52 -12.38
CA PRO A 905 15.23 -17.93 -11.29
C PRO A 905 15.16 -19.43 -11.10
N SER A 906 16.15 -19.97 -10.38
CA SER A 906 16.15 -21.42 -10.11
C SER A 906 15.13 -21.74 -9.02
N LYS A 907 14.86 -23.03 -8.79
CA LYS A 907 13.83 -23.47 -7.83
C LYS A 907 14.07 -22.98 -6.40
N LEU A 908 15.33 -22.71 -6.06
CA LEU A 908 15.66 -22.30 -4.69
C LEU A 908 15.62 -20.79 -4.52
N HIS A 909 15.42 -20.05 -5.61
CA HIS A 909 15.40 -18.58 -5.49
C HIS A 909 14.05 -18.14 -4.87
N PRO A 910 14.09 -17.21 -3.89
CA PRO A 910 12.84 -16.83 -3.22
C PRO A 910 11.99 -15.75 -3.90
N ALA A 911 12.44 -15.24 -5.05
CA ALA A 911 11.72 -14.19 -5.81
C ALA A 911 11.11 -14.66 -7.12
N GLY A 912 10.11 -13.92 -7.60
CA GLY A 912 9.68 -14.06 -8.99
C GLY A 912 9.67 -12.69 -9.62
N TYR A 913 9.59 -12.64 -10.95
CA TYR A 913 9.55 -11.37 -11.62
C TYR A 913 8.46 -11.41 -12.71
N LEU A 914 7.89 -10.26 -12.97
CA LEU A 914 6.87 -10.17 -14.03
C LEU A 914 7.51 -10.17 -15.41
N THR A 915 6.68 -10.53 -16.41
CA THR A 915 7.04 -10.22 -17.76
C THR A 915 6.72 -8.77 -18.10
N SER A 916 7.22 -8.26 -19.23
CA SER A 916 6.88 -6.92 -19.72
C SER A 916 5.34 -6.71 -19.85
N ALA A 917 4.66 -7.67 -20.48
CA ALA A 917 3.21 -7.55 -20.60
C ALA A 917 2.52 -7.39 -19.27
N ALA A 918 2.95 -8.15 -18.26
CA ALA A 918 2.25 -8.08 -16.97
C ALA A 918 2.59 -6.77 -16.24
N HIS A 919 3.82 -6.35 -16.39
CA HIS A 919 4.23 -5.07 -15.77
C HIS A 919 3.44 -3.88 -16.38
N LYS A 920 3.37 -3.84 -17.71
CA LYS A 920 2.54 -2.82 -18.38
C LYS A 920 1.06 -2.88 -17.95
N ALA A 921 0.54 -4.11 -17.76
CA ALA A 921 -0.83 -4.31 -17.34
C ALA A 921 -1.01 -3.73 -15.89
N SER A 922 -0.03 -3.98 -15.01
CA SER A 922 -0.08 -3.39 -13.69
C SER A 922 -0.10 -1.88 -13.80
N GLN A 923 0.77 -1.33 -14.66
CA GLN A 923 0.84 0.15 -14.83
C GLN A 923 -0.49 0.72 -15.37
N SER A 924 -1.17 -0.07 -16.18
CA SER A 924 -2.47 0.37 -16.74
C SER A 924 -3.54 0.53 -15.64
N LEU A 925 -3.40 -0.25 -14.55
CA LEU A 925 -4.35 -0.23 -13.44
C LEU A 925 -3.98 0.89 -12.47
N LEU A 926 -2.69 0.96 -12.12
CA LEU A 926 -2.22 1.89 -11.07
C LEU A 926 -2.01 3.31 -11.57
N ASP A 927 -1.58 3.45 -12.81
CA ASP A 927 -1.27 4.79 -13.33
C ASP A 927 -1.83 4.92 -14.75
N PRO A 928 -3.13 4.91 -14.85
CA PRO A 928 -3.73 5.08 -16.17
C PRO A 928 -3.56 6.51 -16.68
N LEU A 929 -3.84 6.72 -17.96
CA LEU A 929 -3.89 8.13 -18.41
C LEU A 929 -4.97 8.85 -17.62
N ASP A 930 -4.70 10.12 -17.36
CA ASP A 930 -5.71 10.99 -16.77
C ASP A 930 -6.45 11.66 -17.86
N LYS A 931 -7.75 11.87 -17.68
CA LYS A 931 -8.56 12.50 -18.73
C LYS A 931 -9.15 13.79 -18.25
N PHE A 932 -9.03 14.86 -19.03
CA PHE A 932 -9.60 16.17 -18.68
C PHE A 932 -10.55 16.63 -19.81
N ILE A 933 -11.64 17.26 -19.43
CA ILE A 933 -12.63 17.75 -20.41
C ILE A 933 -12.61 19.27 -20.26
N PHE A 934 -12.36 20.03 -21.32
CA PHE A 934 -12.36 21.49 -21.21
C PHE A 934 -13.73 21.99 -20.79
N ALA A 935 -13.80 22.89 -19.83
CA ALA A 935 -15.05 23.13 -19.15
C ALA A 935 -15.88 24.24 -19.82
N GLU A 936 -15.25 25.11 -20.58
CA GLU A 936 -16.02 26.19 -21.25
C GLU A 936 -16.21 25.92 -22.75
N ASN A 937 -16.81 26.87 -23.46
CA ASN A 937 -17.09 26.59 -24.87
C ASN A 937 -15.90 26.69 -25.79
N GLU A 938 -14.99 27.62 -25.50
CA GLU A 938 -13.88 27.82 -26.39
C GLU A 938 -12.58 27.99 -25.58
N TRP A 939 -11.55 27.28 -26.01
CA TRP A 939 -10.23 27.34 -25.35
C TRP A 939 -9.30 28.12 -26.26
N ILE A 940 -9.14 29.41 -25.99
CA ILE A 940 -8.32 30.26 -26.84
C ILE A 940 -6.86 29.93 -26.54
N GLY A 941 -6.04 29.77 -27.55
CA GLY A 941 -4.61 29.53 -27.33
C GLY A 941 -4.26 28.06 -27.07
N ALA A 942 -5.18 27.14 -27.34
CA ALA A 942 -4.97 25.70 -27.07
C ALA A 942 -3.84 25.17 -27.90
N GLN A 943 -3.03 24.33 -27.25
CA GLN A 943 -1.90 23.66 -27.84
C GLN A 943 -2.16 22.15 -27.89
N GLY A 944 -1.46 21.46 -28.77
CA GLY A 944 -1.80 20.07 -29.07
C GLY A 944 -1.09 19.05 -28.20
N GLN A 945 0.00 19.48 -27.58
CA GLN A 945 0.84 18.49 -26.91
C GLN A 945 1.79 19.22 -26.00
N PHE A 946 2.18 18.48 -24.96
CA PHE A 946 3.26 18.88 -24.04
C PHE A 946 4.11 17.66 -23.80
N GLY A 947 5.44 17.87 -23.88
CA GLY A 947 6.35 16.79 -23.60
C GLY A 947 6.82 15.92 -24.73
N GLY A 948 6.50 16.34 -25.97
CA GLY A 948 6.94 15.64 -27.16
C GLY A 948 8.44 15.44 -27.21
N ASP A 949 9.19 16.32 -26.58
CA ASP A 949 10.66 16.22 -26.55
C ASP A 949 11.22 15.49 -25.32
N HIS A 950 10.33 14.99 -24.47
CA HIS A 950 10.76 14.24 -23.28
C HIS A 950 11.32 12.89 -23.71
N PRO A 951 12.45 12.47 -23.11
CA PRO A 951 12.94 11.12 -23.45
C PRO A 951 11.95 10.02 -23.07
N SER A 952 11.90 9.00 -23.88
CA SER A 952 11.05 7.85 -23.66
C SER A 952 11.96 6.73 -23.10
N ALA A 953 11.87 6.53 -21.79
CA ALA A 953 12.80 5.65 -21.06
C ALA A 953 12.46 4.18 -21.27
N ARG A 954 13.42 3.30 -20.93
CA ARG A 954 13.23 1.87 -21.02
C ARG A 954 12.05 1.46 -20.16
N GLU A 955 11.32 0.46 -20.61
CA GLU A 955 9.99 0.12 -20.05
C GLU A 955 10.05 -0.27 -18.58
N ASP A 956 11.21 -0.74 -18.12
CA ASP A 956 11.33 -1.13 -16.70
C ASP A 956 11.63 0.04 -15.78
N LEU A 957 11.85 1.24 -16.33
CA LEU A 957 12.21 2.43 -15.53
C LEU A 957 10.96 3.30 -15.27
N ASP A 958 10.78 3.76 -14.02
CA ASP A 958 9.67 4.69 -13.74
C ASP A 958 10.22 5.88 -13.02
N VAL A 959 9.66 7.03 -13.28
CA VAL A 959 9.83 8.22 -12.42
C VAL A 959 8.71 8.18 -11.40
N SER A 960 8.98 7.58 -10.25
CA SER A 960 7.94 7.33 -9.25
C SER A 960 7.44 8.61 -8.57
N VAL A 961 8.38 9.55 -8.46
CA VAL A 961 8.07 10.85 -7.85
C VAL A 961 8.80 11.91 -8.67
N MET A 962 8.07 12.98 -8.98
CA MET A 962 8.60 14.24 -9.46
C MET A 962 7.91 15.30 -8.64
N ARG A 963 8.73 16.05 -7.87
CA ARG A 963 8.16 17.02 -6.95
C ARG A 963 9.06 18.24 -6.87
N ARG A 964 8.49 19.40 -7.13
CA ARG A 964 9.24 20.65 -6.88
C ARG A 964 9.32 20.86 -5.34
N LEU A 965 10.55 21.17 -4.85
CA LEU A 965 10.81 21.14 -3.40
C LEU A 965 10.87 22.59 -2.87
N THR A 966 10.93 23.55 -3.78
CA THR A 966 11.05 24.99 -3.39
C THR A 966 9.84 25.81 -3.79
N LYS A 967 9.53 26.83 -2.94
CA LYS A 967 8.50 27.81 -3.29
C LYS A 967 9.04 28.83 -4.29
N SER A 968 8.13 29.62 -4.86
CA SER A 968 8.50 30.44 -6.01
C SER A 968 9.48 31.54 -5.66
N SER A 969 9.55 31.92 -4.40
CA SER A 969 10.54 32.97 -4.02
C SER A 969 12.02 32.53 -3.97
N ALA A 970 12.30 31.22 -3.98
CA ALA A 970 13.69 30.72 -3.87
C ALA A 970 14.46 31.05 -5.13
N LYS A 971 15.63 31.69 -4.96
CA LYS A 971 16.51 31.95 -6.08
C LYS A 971 16.94 30.66 -6.77
N THR A 972 17.23 29.63 -5.99
CA THR A 972 17.64 28.38 -6.58
C THR A 972 16.45 27.45 -6.41
N GLN A 973 15.76 27.14 -7.51
CA GLN A 973 14.68 26.18 -7.46
C GLN A 973 15.22 24.75 -7.45
N ARG A 974 14.49 23.86 -6.76
CA ARG A 974 14.96 22.48 -6.68
C ARG A 974 13.81 21.55 -6.98
N VAL A 975 14.13 20.53 -7.78
CA VAL A 975 13.10 19.52 -8.08
C VAL A 975 13.66 18.15 -7.71
N GLY A 976 12.90 17.39 -6.92
CA GLY A 976 13.26 16.02 -6.62
C GLY A 976 12.64 14.94 -7.50
N TYR A 977 13.43 13.93 -7.83
CA TYR A 977 12.91 12.78 -8.61
C TYR A 977 13.26 11.50 -7.91
N VAL A 978 12.32 10.57 -7.87
CA VAL A 978 12.62 9.20 -7.45
C VAL A 978 12.49 8.28 -8.62
N LEU A 979 13.58 7.57 -8.94
CA LEU A 979 13.60 6.66 -10.08
C LEU A 979 13.61 5.26 -9.59
N HIS A 980 12.75 4.42 -10.15
CA HIS A 980 12.74 3.05 -9.77
C HIS A 980 12.84 2.19 -11.02
N ARG A 981 13.77 1.23 -11.02
N ARG A 981 13.78 1.23 -11.00
CA ARG A 981 13.78 0.29 -12.15
CA ARG A 981 13.84 0.24 -12.08
C ARG A 981 13.42 -1.07 -11.63
C ARG A 981 13.40 -1.10 -11.57
N THR A 982 12.37 -1.68 -12.21
CA THR A 982 11.97 -3.00 -11.79
C THR A 982 12.86 -4.02 -12.50
N ASN A 983 12.63 -5.29 -12.26
CA ASN A 983 13.35 -6.27 -13.07
C ASN A 983 12.29 -7.13 -13.82
N LEU A 984 12.36 -7.15 -15.14
CA LEU A 984 11.40 -7.91 -15.94
C LEU A 984 12.06 -9.15 -16.51
N MET A 985 11.30 -10.23 -16.62
N MET A 985 11.28 -10.22 -16.63
CA MET A 985 11.79 -11.49 -17.17
CA MET A 985 11.72 -11.46 -17.25
C MET A 985 12.16 -11.36 -18.62
C MET A 985 12.25 -11.23 -18.64
N GLN A 986 13.30 -11.97 -18.98
CA GLN A 986 13.78 -12.02 -20.36
C GLN A 986 13.08 -13.19 -21.00
N CYS A 987 12.37 -12.95 -22.10
CA CYS A 987 11.60 -14.01 -22.75
C CYS A 987 11.86 -14.01 -24.24
N GLY A 988 12.98 -13.43 -24.63
CA GLY A 988 13.42 -13.53 -26.02
C GLY A 988 12.87 -12.50 -26.98
N THR A 989 12.14 -11.51 -26.46
CA THR A 989 11.76 -10.37 -27.30
C THR A 989 12.94 -9.40 -27.34
N PRO A 990 13.50 -9.14 -28.55
CA PRO A 990 14.66 -8.25 -28.72
C PRO A 990 14.40 -6.87 -28.11
N GLU A 991 15.35 -6.38 -27.33
CA GLU A 991 15.22 -5.07 -26.70
C GLU A 991 15.33 -3.99 -27.77
N GLU A 992 14.39 -3.06 -27.73
CA GLU A 992 14.48 -1.86 -28.55
C GLU A 992 15.48 -0.83 -28.00
N HIS A 993 16.25 -0.21 -28.90
CA HIS A 993 16.72 1.18 -28.77
C HIS A 993 15.90 1.93 -27.74
N THR A 994 16.50 2.53 -26.71
CA THR A 994 15.74 3.59 -26.00
C THR A 994 16.64 4.73 -25.57
N GLN A 995 16.01 5.89 -25.36
CA GLN A 995 16.75 7.07 -24.93
C GLN A 995 17.02 7.02 -23.43
N LYS A 996 18.25 7.40 -23.08
CA LYS A 996 18.63 7.55 -21.68
C LYS A 996 17.76 8.66 -21.07
N LEU A 997 17.26 8.36 -19.88
CA LEU A 997 16.54 9.40 -19.16
C LEU A 997 17.47 10.05 -18.17
N ASP A 998 17.67 11.36 -18.31
CA ASP A 998 18.45 12.15 -17.34
C ASP A 998 17.51 13.17 -16.74
N VAL A 999 17.06 12.86 -15.52
CA VAL A 999 16.05 13.69 -14.92
C VAL A 999 16.57 15.09 -14.61
N CYS A 1000 17.88 15.20 -14.38
CA CYS A 1000 18.45 16.50 -14.01
C CYS A 1000 18.38 17.53 -15.16
N HIS A 1001 18.17 17.05 -16.38
CA HIS A 1001 17.99 17.95 -17.54
C HIS A 1001 16.54 18.06 -18.06
N LEU A 1002 15.57 17.60 -17.28
CA LEU A 1002 14.17 17.76 -17.71
C LEU A 1002 13.69 19.21 -17.59
N LEU A 1003 14.28 19.98 -16.70
CA LEU A 1003 13.94 21.40 -16.55
C LEU A 1003 15.12 22.28 -16.95
N PRO A 1004 14.84 23.48 -17.48
CA PRO A 1004 15.96 24.29 -17.98
C PRO A 1004 16.86 24.89 -16.87
N ASN A 1005 18.03 25.36 -17.28
CA ASN A 1005 18.91 26.13 -16.39
C ASN A 1005 19.39 25.32 -15.20
N VAL A 1006 19.69 24.04 -15.42
CA VAL A 1006 20.21 23.20 -14.32
C VAL A 1006 21.58 23.76 -13.90
N ALA A 1007 21.81 23.90 -12.59
CA ALA A 1007 23.08 24.36 -12.02
C ALA A 1007 23.79 23.31 -11.18
N ARG A 1008 23.07 22.27 -10.77
CA ARG A 1008 23.64 21.20 -9.97
C ARG A 1008 22.70 20.00 -10.04
N CYS A 1009 23.26 18.81 -9.91
CA CYS A 1009 22.47 17.59 -9.82
C CYS A 1009 23.11 16.78 -8.68
N GLU A 1010 22.30 16.35 -7.71
CA GLU A 1010 22.77 15.59 -6.57
C GLU A 1010 21.98 14.29 -6.49
N ARG A 1011 22.65 13.24 -6.07
CA ARG A 1011 21.93 12.04 -5.64
C ARG A 1011 21.67 12.22 -4.18
N THR A 1012 20.46 11.87 -3.72
CA THR A 1012 20.05 12.12 -2.34
C THR A 1012 19.43 10.86 -1.77
N THR A 1013 19.21 10.86 -0.48
CA THR A 1013 18.36 9.83 0.10
C THR A 1013 16.93 9.94 -0.51
N LEU A 1014 16.11 8.90 -0.37
CA LEU A 1014 14.82 8.90 -1.10
C LEU A 1014 13.82 9.95 -0.61
N THR A 1015 14.09 10.47 0.60
CA THR A 1015 13.24 11.52 1.16
C THR A 1015 13.72 12.93 0.69
N PHE A 1016 14.81 12.98 -0.10
CA PHE A 1016 15.42 14.26 -0.56
C PHE A 1016 16.15 15.06 0.50
N LEU A 1017 16.32 14.48 1.69
CA LEU A 1017 16.82 15.30 2.82
C LEU A 1017 18.31 15.31 3.01
N GLN A 1018 19.03 14.39 2.38
CA GLN A 1018 20.48 14.36 2.50
C GLN A 1018 21.13 14.16 1.17
N ASN A 1019 22.14 14.99 0.89
CA ASN A 1019 22.92 14.85 -0.33
C ASN A 1019 23.95 13.77 -0.15
N LEU A 1020 23.96 12.83 -1.09
CA LEU A 1020 24.84 11.69 -1.07
C LEU A 1020 25.96 11.78 -2.10
N GLU A 1021 25.74 12.44 -3.25
CA GLU A 1021 26.78 12.54 -4.29
C GLU A 1021 26.49 13.74 -5.19
N HIS A 1022 27.51 14.54 -5.48
CA HIS A 1022 27.42 15.68 -6.42
C HIS A 1022 27.74 15.07 -7.77
N LEU A 1023 26.86 15.17 -8.76
CA LEU A 1023 26.99 14.39 -9.98
C LEU A 1023 27.72 15.14 -11.08
N ASP A 1024 28.70 14.46 -11.71
CA ASP A 1024 29.48 14.98 -12.85
C ASP A 1024 28.65 15.40 -14.03
N GLY A 1025 28.83 16.64 -14.49
CA GLY A 1025 28.15 17.10 -15.72
C GLY A 1025 26.66 17.30 -15.51
N MET A 1026 26.26 17.30 -14.23
CA MET A 1026 24.86 17.46 -13.83
C MET A 1026 23.96 16.41 -14.47
N VAL A 1027 24.52 15.23 -14.72
CA VAL A 1027 23.81 14.09 -15.31
C VAL A 1027 23.43 13.09 -14.21
N ALA A 1028 22.15 12.75 -14.12
CA ALA A 1028 21.70 11.72 -13.18
C ALA A 1028 21.70 10.39 -13.91
N PRO A 1029 22.54 9.44 -13.46
CA PRO A 1029 22.52 8.11 -14.09
C PRO A 1029 21.26 7.32 -13.75
N GLU A 1030 20.83 6.49 -14.67
CA GLU A 1030 19.77 5.54 -14.38
C GLU A 1030 20.27 4.46 -13.39
N VAL A 1031 19.30 3.75 -12.84
CA VAL A 1031 19.55 2.87 -11.71
C VAL A 1031 19.49 1.44 -12.20
N CYS A 1032 20.06 0.52 -11.45
CA CYS A 1032 20.08 -0.93 -11.75
C CYS A 1032 18.71 -1.59 -11.52
N PRO A 1033 18.50 -2.78 -12.11
CA PRO A 1033 17.27 -3.53 -11.77
C PRO A 1033 17.09 -3.75 -10.26
N MET A 1034 15.85 -3.48 -9.83
CA MET A 1034 15.40 -3.56 -8.45
C MET A 1034 15.94 -2.46 -7.56
N GLU A 1035 16.59 -1.47 -8.14
CA GLU A 1035 17.10 -0.38 -7.37
C GLU A 1035 16.24 0.86 -7.50
N THR A 1036 16.27 1.69 -6.47
CA THR A 1036 15.56 2.93 -6.49
C THR A 1036 16.56 3.99 -6.04
N ALA A 1037 16.57 5.12 -6.73
CA ALA A 1037 17.47 6.23 -6.39
C ALA A 1037 16.69 7.52 -6.45
N ALA A 1038 17.21 8.51 -5.76
CA ALA A 1038 16.64 9.83 -5.78
C ALA A 1038 17.68 10.88 -6.19
N TYR A 1039 17.20 11.83 -6.97
CA TYR A 1039 18.02 12.93 -7.45
C TYR A 1039 17.33 14.25 -7.21
N VAL A 1040 18.13 15.27 -6.94
CA VAL A 1040 17.59 16.61 -6.88
C VAL A 1040 18.38 17.49 -7.81
N SER A 1041 17.66 18.17 -8.69
CA SER A 1041 18.28 19.09 -9.63
C SER A 1041 18.01 20.48 -9.08
N SER A 1042 19.05 21.32 -9.16
CA SER A 1042 18.93 22.70 -8.73
C SER A 1042 19.00 23.58 -9.98
N HIS A 1043 18.19 24.64 -9.99
CA HIS A 1043 18.04 25.47 -11.20
C HIS A 1043 18.13 26.92 -10.85
N SER A 1044 18.81 27.66 -11.71
CA SER A 1044 18.91 29.08 -11.51
C SER A 1044 17.62 29.74 -11.98
N SER A 1045 16.97 30.51 -11.10
CA SER A 1045 15.66 31.08 -11.45
C SER A 1045 15.60 32.60 -11.20
C1 NAG B . 21.02 21.38 12.59
C2 NAG B . 21.64 22.65 13.18
C3 NAG B . 23.17 22.73 13.06
C4 NAG B . 23.86 21.39 13.31
C5 NAG B . 23.14 20.28 12.56
C6 NAG B . 23.76 18.90 12.76
C7 NAG B . 20.27 24.63 12.89
C8 NAG B . 19.81 25.70 11.95
N2 NAG B . 21.12 23.74 12.36
O3 NAG B . 23.65 23.68 14.03
O4 NAG B . 25.25 21.48 12.93
O5 NAG B . 21.77 20.23 12.97
O6 NAG B . 23.85 18.28 11.47
O7 NAG B . 19.91 24.58 14.06
ZN ZN C . -1.72 0.76 16.60
C1 MRD D . -1.41 -17.48 25.31
C2 MRD D . -1.24 -15.98 25.31
O2 MRD D . -0.25 -15.73 24.30
CM MRD D . -2.58 -15.38 24.84
C3 MRD D . -0.82 -15.41 26.66
C4 MRD D . -0.38 -13.93 26.70
O4 MRD D . 0.59 -13.78 27.77
C5 MRD D . -1.56 -13.00 26.91
C1 MVL E . -4.25 -1.56 19.38
N10 MVL E . -4.75 -2.81 18.99
C3 MVL E . -4.43 -0.67 17.00
C4 MVL E . -4.45 -2.15 16.61
C5 MVL E . -5.07 -3.14 17.60
C6 MVL E . -4.67 -4.55 17.23
C7 MVL E . -4.60 -2.75 21.18
C8 MVL E . -4.98 -3.51 20.12
N1 MVL E . -4.17 -1.58 20.72
O3 MVL E . -3.75 0.07 16.00
O2 MVL E . -2.66 0.19 18.34
O4 MVL E . -5.34 -2.25 15.48
C2 MVL E . -3.95 -0.40 18.37
O6 MVL E . -5.28 -5.47 18.12
C1 MPD F . -14.31 11.71 -9.22
C2 MPD F . -12.81 11.99 -9.35
O2 MPD F . -12.11 10.75 -9.02
CM MPD F . -12.45 12.40 -10.80
C3 MPD F . -12.32 13.03 -8.34
C4 MPD F . -13.01 14.42 -8.44
O4 MPD F . -14.43 14.31 -8.25
C5 MPD F . -12.38 15.39 -7.44
C1 MPD G . 16.12 32.48 -14.94
C2 MPD G . 17.53 33.07 -15.01
O2 MPD G . 17.62 34.19 -15.90
CM MPD G . 17.86 33.66 -13.65
C3 MPD G . 18.46 31.99 -15.63
C4 MPD G . 19.94 32.33 -15.73
O4 MPD G . 20.21 33.18 -16.87
C5 MPD G . 20.50 33.01 -14.49
#